data_9Q2R
#
_entry.id   9Q2R
#
_cell.length_a   1.00
_cell.length_b   1.00
_cell.length_c   1.00
_cell.angle_alpha   90.00
_cell.angle_beta   90.00
_cell.angle_gamma   90.00
#
_symmetry.space_group_name_H-M   'P 1'
#
loop_
_entity.id
_entity.type
_entity.pdbx_description
1 polymer 'Phenol-soluble modulin export ABC transporter permease subunit PmtD'
2 polymer 'ABC transporter ATP-binding protein'
3 non-polymer "ADENOSINE-5'-DIPHOSPHATE"
#
loop_
_entity_poly.entity_id
_entity_poly.type
_entity_poly.pdbx_seq_one_letter_code
_entity_poly.pdbx_strand_id
1 'polypeptide(L)'
;VPRGSHRILNLVKYDLYSIFKSPLTYLAILVVSSLIATQSILMANSMDNPKHIIVYGSVFAAAKWLLLIIGLMFVVKTIT
RDFSQGTIQLYMSKVKTRVGYIISKTISIILISILFALIHYVILIVVQASSNGKNLAFSKYVDNLWFFLIFLLFFGLFLF
LITLASQKTAMIFSLGVFLVLIVPFIKPFITFIPRYGEKVLDAFDYIPFAYLTDKMISSNFDFSNWQWVISLGSIVIFFI
LNILYVAKKDI
;
A,B
2 'polypeptide(L)'
;MKLEHITKKYGSNVVLNDIDFDFGDSRIVGLIGKNGVGKTTVMKVMNGNIIKFDGKVDIDNADNIGFLIEHPKLYDNKSG
LYNLKLFAQVLGKGFDKAYTDKIIDAFGMRPYIKKKVKKYSMGMKQKLAIAVSLMNKPKFLILDEPTNGMDPDGSIDVLT
TIKSLVNELDMRILISSHKLEDIELICDRAVFLRDGHFVQDVNMEEGVASDTTIVTVDHKDFDRTEKYLAEHFQLQNVDK
ADGHLMINAQKNYQVILKALSELDIYPKYIETRKSSLRDTYFNINQRGDK
;
C,D
#
# COMPACT_ATOMS: atom_id res chain seq x y z
N VAL A 1 29.76 22.25 -6.09
CA VAL A 1 29.28 22.43 -4.73
C VAL A 1 29.63 21.25 -3.80
N PRO A 2 30.58 21.52 -2.90
CA PRO A 2 31.00 20.47 -1.94
C PRO A 2 29.86 20.05 -1.03
N ARG A 3 28.84 20.90 -0.83
CA ARG A 3 27.68 20.53 -0.03
C ARG A 3 27.00 19.34 -0.68
N GLY A 4 26.82 19.41 -2.00
CA GLY A 4 26.25 18.29 -2.74
C GLY A 4 27.16 17.07 -2.68
N SER A 5 28.48 17.31 -2.71
CA SER A 5 29.44 16.20 -2.61
C SER A 5 29.31 15.47 -1.27
N HIS A 6 29.17 16.22 -0.18
CA HIS A 6 28.99 15.62 1.14
C HIS A 6 27.63 14.91 1.23
N ARG A 7 26.59 15.49 0.62
CA ARG A 7 25.26 14.85 0.56
C ARG A 7 25.33 13.49 -0.13
N ILE A 8 26.20 13.38 -1.14
CA ILE A 8 26.43 12.12 -1.83
C ILE A 8 27.14 11.16 -0.89
N LEU A 9 28.14 11.69 -0.16
CA LEU A 9 28.96 10.79 0.65
C LEU A 9 28.14 10.28 1.83
N ASN A 10 27.21 11.11 2.33
CA ASN A 10 26.42 10.67 3.48
C ASN A 10 25.45 9.59 3.04
N LEU A 11 24.91 9.71 1.81
CA LEU A 11 24.04 8.64 1.30
C LEU A 11 24.76 7.31 1.11
N VAL A 12 25.99 7.32 0.55
CA VAL A 12 26.74 6.05 0.44
C VAL A 12 27.09 5.49 1.81
N LYS A 13 27.48 6.36 2.74
CA LYS A 13 27.83 5.92 4.09
C LYS A 13 26.65 5.28 4.80
N TYR A 14 25.45 5.86 4.69
CA TYR A 14 24.30 5.27 5.37
C TYR A 14 23.83 3.98 4.69
N ASP A 15 23.95 3.89 3.36
CA ASP A 15 23.67 2.63 2.67
C ASP A 15 24.62 1.53 3.13
N LEU A 16 25.90 1.89 3.29
CA LEU A 16 26.89 0.95 3.81
C LEU A 16 26.57 0.56 5.25
N TYR A 17 26.16 1.52 6.09
CA TYR A 17 25.82 1.18 7.46
C TYR A 17 24.65 0.19 7.50
N SER A 18 23.65 0.39 6.63
CA SER A 18 22.49 -0.50 6.63
C SER A 18 22.91 -1.91 6.20
N ILE A 19 23.90 -1.98 5.29
CA ILE A 19 24.33 -3.29 4.82
C ILE A 19 25.12 -3.96 5.93
N PHE A 20 25.95 -3.19 6.65
CA PHE A 20 26.86 -3.75 7.63
C PHE A 20 26.12 -4.05 8.92
N LYS A 21 24.87 -3.58 9.02
CA LYS A 21 24.04 -3.69 10.20
C LYS A 21 23.02 -4.81 10.10
N SER A 22 22.59 -5.17 8.90
CA SER A 22 21.56 -6.19 8.77
C SER A 22 22.14 -7.55 9.15
N PRO A 23 21.38 -8.44 9.78
CA PRO A 23 21.92 -9.77 10.12
C PRO A 23 22.01 -10.75 8.96
N LEU A 24 21.28 -10.53 7.87
CA LEU A 24 21.37 -11.42 6.71
C LEU A 24 22.76 -11.43 6.08
N THR A 25 23.49 -10.30 6.13
CA THR A 25 24.86 -10.29 5.61
C THR A 25 25.76 -11.25 6.38
N TYR A 26 25.62 -11.30 7.72
CA TYR A 26 26.48 -12.19 8.49
C TYR A 26 25.95 -13.61 8.48
N LEU A 27 24.70 -13.80 8.08
CA LEU A 27 24.24 -15.18 7.94
C LEU A 27 24.70 -15.73 6.60
N ALA A 28 24.65 -14.90 5.56
CA ALA A 28 25.14 -15.30 4.24
C ALA A 28 26.63 -15.55 4.27
N ILE A 29 27.38 -14.67 4.95
CA ILE A 29 28.83 -14.85 5.08
C ILE A 29 29.16 -16.14 5.84
N LEU A 30 28.40 -16.44 6.93
CA LEU A 30 28.64 -17.68 7.66
C LEU A 30 28.39 -18.91 6.79
N VAL A 31 27.28 -18.92 6.03
CA VAL A 31 26.98 -20.07 5.17
C VAL A 31 28.04 -20.24 4.08
N VAL A 32 28.41 -19.15 3.40
CA VAL A 32 29.40 -19.28 2.31
C VAL A 32 30.76 -19.71 2.84
N SER A 33 31.23 -19.10 3.95
CA SER A 33 32.54 -19.47 4.48
C SER A 33 32.56 -20.90 5.00
N SER A 34 31.48 -21.33 5.68
CA SER A 34 31.39 -22.69 6.16
C SER A 34 31.35 -23.70 5.02
N LEU A 35 30.56 -23.41 3.99
CA LEU A 35 30.47 -24.31 2.83
C LEU A 35 31.79 -24.40 2.08
N ILE A 36 32.46 -23.26 1.87
CA ILE A 36 33.73 -23.28 1.14
C ILE A 36 34.81 -24.01 1.94
N ALA A 37 34.88 -23.78 3.26
CA ALA A 37 35.86 -24.48 4.07
C ALA A 37 35.59 -25.99 4.14
N THR A 38 34.31 -26.38 4.31
CA THR A 38 33.94 -27.78 4.34
C THR A 38 34.24 -28.48 3.02
N GLN A 39 33.84 -27.86 1.90
CA GLN A 39 34.08 -28.44 0.59
C GLN A 39 35.56 -28.55 0.29
N SER A 40 36.34 -27.51 0.59
CA SER A 40 37.77 -27.56 0.32
C SER A 40 38.49 -28.61 1.17
N ILE A 41 38.16 -28.68 2.47
CA ILE A 41 38.84 -29.66 3.33
C ILE A 41 38.46 -31.08 2.95
N LEU A 42 37.17 -31.35 2.73
CA LEU A 42 36.80 -32.71 2.32
C LEU A 42 37.29 -33.09 0.94
N MET A 43 37.19 -32.21 -0.06
CA MET A 43 37.61 -32.52 -1.42
C MET A 43 39.10 -32.59 -1.70
N ALA A 44 39.89 -31.67 -1.12
CA ALA A 44 41.31 -31.66 -1.40
C ALA A 44 42.15 -32.65 -0.57
N ASN A 45 41.73 -32.96 0.65
CA ASN A 45 42.60 -33.76 1.53
C ASN A 45 42.29 -35.27 1.51
N SER A 46 41.43 -35.79 0.64
CA SER A 46 41.21 -37.24 0.77
C SER A 46 40.88 -38.01 -0.50
N MET A 47 40.73 -37.39 -1.65
CA MET A 47 40.21 -38.14 -2.79
C MET A 47 41.30 -38.82 -3.62
N ASP A 48 42.57 -38.56 -3.34
CA ASP A 48 43.64 -39.20 -4.09
C ASP A 48 44.80 -39.65 -3.19
N ASN A 49 44.61 -39.54 -1.88
CA ASN A 49 45.63 -39.84 -0.87
C ASN A 49 47.05 -39.27 -1.08
N PRO A 50 47.20 -37.96 -1.37
CA PRO A 50 48.55 -37.40 -1.47
C PRO A 50 49.11 -37.11 -0.08
N LYS A 51 50.25 -36.40 -0.08
CA LYS A 51 50.89 -35.98 1.16
C LYS A 51 50.41 -34.56 1.50
N HIS A 52 49.08 -34.47 1.55
CA HIS A 52 48.27 -33.30 1.92
C HIS A 52 48.47 -32.12 0.97
N ILE A 53 48.77 -32.40 -0.31
CA ILE A 53 48.88 -31.36 -1.33
C ILE A 53 47.48 -30.90 -1.71
N ILE A 54 47.27 -29.59 -1.81
CA ILE A 54 45.97 -29.09 -2.24
C ILE A 54 46.19 -28.13 -3.41
N VAL A 55 45.40 -28.29 -4.46
CA VAL A 55 45.41 -27.36 -5.58
C VAL A 55 44.33 -26.31 -5.30
N TYR A 56 44.59 -25.05 -5.70
CA TYR A 56 43.74 -23.93 -5.29
C TYR A 56 42.79 -23.46 -6.39
N GLY A 57 42.82 -24.08 -7.58
CA GLY A 57 41.92 -23.65 -8.63
C GLY A 57 40.44 -23.87 -8.34
N SER A 58 40.11 -25.04 -7.76
CA SER A 58 38.72 -25.34 -7.43
C SER A 58 38.16 -24.42 -6.35
N VAL A 59 38.94 -24.18 -5.28
CA VAL A 59 38.49 -23.27 -4.22
C VAL A 59 38.36 -21.84 -4.76
N PHE A 60 39.33 -21.39 -5.58
CA PHE A 60 39.24 -20.08 -6.24
C PHE A 60 37.94 -19.94 -7.03
N ALA A 61 37.65 -20.91 -7.90
CA ALA A 61 36.45 -20.83 -8.75
C ALA A 61 35.17 -20.86 -7.92
N ALA A 62 35.12 -21.76 -6.93
CA ALA A 62 33.92 -21.92 -6.10
C ALA A 62 33.66 -20.67 -5.27
N ALA A 63 34.70 -20.15 -4.60
CA ALA A 63 34.55 -18.94 -3.80
C ALA A 63 34.15 -17.75 -4.67
N LYS A 64 34.74 -17.65 -5.87
CA LYS A 64 34.37 -16.58 -6.80
C LYS A 64 32.89 -16.65 -7.15
N TRP A 65 32.41 -17.84 -7.54
CA TRP A 65 31.00 -17.98 -7.93
C TRP A 65 30.04 -17.68 -6.79
N LEU A 66 30.28 -18.28 -5.61
CA LEU A 66 29.37 -18.07 -4.48
C LEU A 66 29.37 -16.62 -4.01
N LEU A 67 30.55 -16.01 -3.85
CA LEU A 67 30.61 -14.64 -3.37
C LEU A 67 30.07 -13.67 -4.40
N LEU A 68 30.30 -13.95 -5.68
CA LEU A 68 29.77 -13.11 -6.73
C LEU A 68 28.24 -13.15 -6.77
N ILE A 69 27.63 -14.34 -6.68
CA ILE A 69 26.17 -14.42 -6.73
C ILE A 69 25.52 -13.84 -5.47
N ILE A 70 26.20 -13.96 -4.32
CA ILE A 70 25.65 -13.35 -3.11
C ILE A 70 25.78 -11.83 -3.18
N GLY A 71 26.92 -11.35 -3.68
CA GLY A 71 27.11 -9.92 -3.78
C GLY A 71 26.14 -9.32 -4.78
N LEU A 72 25.83 -10.06 -5.85
CA LEU A 72 24.83 -9.61 -6.82
C LEU A 72 23.45 -9.50 -6.19
N MET A 73 23.07 -10.47 -5.35
CA MET A 73 21.77 -10.38 -4.69
C MET A 73 21.72 -9.22 -3.71
N PHE A 74 22.82 -9.01 -2.97
CA PHE A 74 22.92 -7.86 -2.07
C PHE A 74 22.85 -6.53 -2.82
N VAL A 75 23.45 -6.49 -4.01
CA VAL A 75 23.42 -5.28 -4.83
C VAL A 75 22.03 -5.02 -5.37
N VAL A 76 21.33 -6.05 -5.85
CA VAL A 76 19.98 -5.83 -6.39
C VAL A 76 19.05 -5.35 -5.27
N LYS A 77 19.18 -5.94 -4.07
CA LYS A 77 18.39 -5.52 -2.92
C LYS A 77 18.66 -4.06 -2.56
N THR A 78 19.94 -3.65 -2.54
CA THR A 78 20.30 -2.26 -2.25
C THR A 78 19.71 -1.31 -3.29
N ILE A 79 19.75 -1.71 -4.55
CA ILE A 79 19.23 -0.89 -5.65
C ILE A 79 17.72 -0.73 -5.56
N THR A 80 17.03 -1.79 -5.17
CA THR A 80 15.58 -1.75 -5.24
C THR A 80 14.94 -1.42 -3.88
N ARG A 81 15.77 -1.15 -2.85
CA ARG A 81 15.29 -0.82 -1.50
C ARG A 81 14.32 0.36 -1.48
N ASP A 82 14.72 1.49 -2.06
CA ASP A 82 13.91 2.71 -2.03
C ASP A 82 12.61 2.56 -2.81
N PHE A 83 12.64 1.91 -3.97
CA PHE A 83 11.43 1.63 -4.74
C PHE A 83 10.51 0.66 -4.00
N SER A 84 11.09 -0.22 -3.19
CA SER A 84 10.29 -1.13 -2.39
C SER A 84 9.57 -0.38 -1.28
N GLN A 85 10.30 0.49 -0.58
CA GLN A 85 9.68 1.21 0.54
C GLN A 85 8.85 2.42 0.11
N GLY A 86 8.93 2.81 -1.16
CA GLY A 86 8.19 3.96 -1.64
C GLY A 86 8.72 5.32 -1.23
N THR A 87 9.92 5.38 -0.64
CA THR A 87 10.49 6.66 -0.23
C THR A 87 11.18 7.40 -1.36
N ILE A 88 11.24 6.82 -2.57
CA ILE A 88 11.96 7.42 -3.67
C ILE A 88 11.38 8.76 -4.07
N GLN A 89 10.06 8.96 -3.88
CA GLN A 89 9.43 10.21 -4.28
C GLN A 89 9.88 11.37 -3.41
N LEU A 90 10.49 11.07 -2.24
CA LEU A 90 11.04 12.10 -1.38
C LEU A 90 12.41 12.56 -1.87
N TYR A 91 13.13 11.71 -2.59
CA TYR A 91 14.46 11.99 -3.11
C TYR A 91 14.43 12.52 -4.53
N MET A 92 13.24 12.64 -5.11
CA MET A 92 13.09 13.04 -6.50
C MET A 92 12.45 14.44 -6.62
N SER A 93 12.96 15.38 -5.82
CA SER A 93 12.43 16.75 -5.84
C SER A 93 13.00 17.67 -6.92
N LYS A 94 14.29 18.01 -6.87
CA LYS A 94 14.86 18.92 -7.85
C LYS A 94 15.79 18.13 -8.78
N VAL A 95 16.44 18.85 -9.69
CA VAL A 95 17.30 18.18 -10.66
C VAL A 95 18.62 17.77 -10.01
N LYS A 96 19.19 18.66 -9.21
CA LYS A 96 20.46 18.36 -8.56
C LYS A 96 20.35 17.18 -7.59
N THR A 97 19.22 17.06 -6.87
CA THR A 97 19.04 15.85 -6.05
C THR A 97 18.89 14.59 -6.92
N ARG A 98 18.16 14.64 -8.06
CA ARG A 98 18.07 13.44 -8.91
C ARG A 98 19.45 13.02 -9.43
N VAL A 99 20.33 13.99 -9.62
CA VAL A 99 21.65 13.66 -10.14
C VAL A 99 22.53 13.16 -9.02
N GLY A 100 22.49 13.81 -7.85
CA GLY A 100 23.26 13.33 -6.71
C GLY A 100 22.83 11.94 -6.28
N TYR A 101 21.54 11.63 -6.46
CA TYR A 101 21.01 10.29 -6.21
C TYR A 101 21.69 9.26 -7.10
N ILE A 102 21.81 9.54 -8.41
CA ILE A 102 22.45 8.57 -9.31
C ILE A 102 23.94 8.43 -9.00
N ILE A 103 24.60 9.56 -8.70
CA ILE A 103 26.03 9.53 -8.35
C ILE A 103 26.24 8.68 -7.11
N SER A 104 25.38 8.87 -6.09
CA SER A 104 25.49 8.10 -4.86
C SER A 104 25.25 6.61 -5.12
N LYS A 105 24.29 6.28 -6.00
CA LYS A 105 24.06 4.87 -6.30
C LYS A 105 25.29 4.24 -6.96
N THR A 106 25.93 4.94 -7.93
CA THR A 106 27.13 4.40 -8.57
C THR A 106 28.29 4.25 -7.58
N ILE A 107 28.50 5.25 -6.72
CA ILE A 107 29.58 5.19 -5.73
C ILE A 107 29.33 4.04 -4.74
N SER A 108 28.06 3.85 -4.35
CA SER A 108 27.71 2.75 -3.46
C SER A 108 28.00 1.40 -4.11
N ILE A 109 27.73 1.30 -5.42
CA ILE A 109 28.03 0.07 -6.16
C ILE A 109 29.53 -0.23 -6.12
N ILE A 110 30.34 0.82 -6.35
CA ILE A 110 31.80 0.66 -6.32
C ILE A 110 32.29 0.23 -4.93
N LEU A 111 31.79 0.89 -3.87
CA LEU A 111 32.22 0.54 -2.51
C LEU A 111 31.81 -0.88 -2.09
N ILE A 112 30.58 -1.30 -2.42
CA ILE A 112 30.16 -2.66 -2.09
C ILE A 112 31.02 -3.69 -2.81
N SER A 113 31.33 -3.44 -4.10
CA SER A 113 32.19 -4.35 -4.86
C SER A 113 33.59 -4.45 -4.23
N ILE A 114 34.17 -3.32 -3.82
CA ILE A 114 35.48 -3.31 -3.18
C ILE A 114 35.46 -4.10 -1.88
N LEU A 115 34.39 -3.92 -1.10
CA LEU A 115 34.23 -4.62 0.17
C LEU A 115 34.15 -6.13 -0.04
N PHE A 116 33.39 -6.56 -1.06
CA PHE A 116 33.27 -7.99 -1.35
C PHE A 116 34.58 -8.59 -1.83
N ALA A 117 35.35 -7.83 -2.64
CA ALA A 117 36.67 -8.28 -3.07
C ALA A 117 37.60 -8.48 -1.86
N LEU A 118 37.53 -7.56 -0.89
CA LEU A 118 38.32 -7.68 0.32
C LEU A 118 37.92 -8.93 1.09
N ILE A 119 36.61 -9.20 1.16
CA ILE A 119 36.11 -10.40 1.82
C ILE A 119 36.64 -11.68 1.16
N HIS A 120 36.61 -11.71 -0.18
CA HIS A 120 37.13 -12.84 -0.95
C HIS A 120 38.60 -13.06 -0.66
N TYR A 121 39.33 -11.95 -0.52
CA TYR A 121 40.75 -12.00 -0.17
C TYR A 121 40.90 -12.65 1.20
N VAL A 122 40.08 -12.26 2.18
CA VAL A 122 40.24 -12.78 3.54
C VAL A 122 39.99 -14.29 3.60
N ILE A 123 38.90 -14.79 2.97
CA ILE A 123 38.63 -16.24 3.02
C ILE A 123 39.74 -17.04 2.32
N LEU A 124 40.15 -16.62 1.12
CA LEU A 124 41.20 -17.41 0.45
C LEU A 124 42.55 -17.32 1.17
N ILE A 125 42.87 -16.14 1.72
CA ILE A 125 44.13 -15.97 2.46
C ILE A 125 44.16 -16.85 3.70
N VAL A 126 43.06 -16.90 4.48
CA VAL A 126 43.08 -17.72 5.71
C VAL A 126 43.13 -19.21 5.34
N VAL A 127 42.45 -19.60 4.25
CA VAL A 127 42.51 -21.00 3.82
C VAL A 127 43.94 -21.38 3.44
N GLN A 128 44.62 -20.50 2.69
CA GLN A 128 46.01 -20.76 2.30
C GLN A 128 46.94 -20.75 3.52
N ALA A 129 46.69 -19.86 4.48
CA ALA A 129 47.53 -19.79 5.68
C ALA A 129 47.37 -21.06 6.51
N SER A 130 46.14 -21.56 6.62
CA SER A 130 45.88 -22.76 7.41
C SER A 130 46.53 -23.97 6.76
N SER A 131 46.38 -24.11 5.45
CA SER A 131 46.89 -25.29 4.76
C SER A 131 48.30 -25.08 4.25
N ASN A 132 48.78 -26.00 3.41
CA ASN A 132 50.07 -25.90 2.74
C ASN A 132 49.91 -26.17 1.25
N GLY A 133 50.80 -25.56 0.46
CA GLY A 133 50.70 -25.66 -0.98
C GLY A 133 51.40 -24.51 -1.66
N LYS A 134 50.98 -24.23 -2.89
CA LYS A 134 51.54 -23.16 -3.70
C LYS A 134 50.67 -21.92 -3.59
N ASN A 135 51.22 -20.85 -3.00
CA ASN A 135 50.46 -19.62 -2.79
C ASN A 135 50.15 -18.92 -4.11
N LEU A 136 49.07 -18.15 -4.11
CA LEU A 136 48.62 -17.41 -5.28
C LEU A 136 49.40 -16.10 -5.35
N ALA A 137 49.01 -15.19 -6.25
CA ALA A 137 49.81 -13.96 -6.34
C ALA A 137 48.99 -12.71 -6.03
N PHE A 138 49.69 -11.66 -5.60
CA PHE A 138 49.01 -10.42 -5.28
C PHE A 138 48.45 -9.73 -6.51
N SER A 139 49.20 -9.75 -7.64
CA SER A 139 48.69 -9.11 -8.85
C SER A 139 47.41 -9.75 -9.35
N LYS A 140 47.31 -11.07 -9.22
CA LYS A 140 46.11 -11.83 -9.53
C LYS A 140 44.97 -11.42 -8.59
N TYR A 141 45.25 -11.23 -7.31
CA TYR A 141 44.16 -10.81 -6.41
C TYR A 141 43.67 -9.40 -6.78
N VAL A 142 44.58 -8.50 -7.17
CA VAL A 142 44.19 -7.14 -7.58
C VAL A 142 43.33 -7.18 -8.85
N ASP A 143 43.76 -7.95 -9.85
CA ASP A 143 42.97 -8.05 -11.07
C ASP A 143 41.66 -8.79 -10.86
N ASN A 144 41.61 -9.71 -9.89
CA ASN A 144 40.33 -10.32 -9.50
C ASN A 144 39.39 -9.27 -8.93
N LEU A 145 39.93 -8.33 -8.13
CA LEU A 145 39.14 -7.22 -7.60
C LEU A 145 38.59 -6.36 -8.75
N TRP A 146 39.42 -6.10 -9.76
CA TRP A 146 38.95 -5.35 -10.94
C TRP A 146 37.81 -6.09 -11.65
N PHE A 147 37.93 -7.41 -11.81
CA PHE A 147 36.87 -8.18 -12.47
C PHE A 147 35.57 -8.09 -11.68
N PHE A 148 35.68 -8.15 -10.34
CA PHE A 148 34.53 -7.95 -9.47
C PHE A 148 33.87 -6.60 -9.75
N LEU A 149 34.70 -5.53 -9.84
CA LEU A 149 34.20 -4.17 -10.10
C LEU A 149 33.44 -4.10 -11.41
N ILE A 150 34.02 -4.60 -12.52
CA ILE A 150 33.35 -4.51 -13.82
C ILE A 150 32.03 -5.30 -13.83
N PHE A 151 32.05 -6.55 -13.35
CA PHE A 151 30.83 -7.38 -13.36
C PHE A 151 29.70 -6.72 -12.56
N LEU A 152 29.99 -6.36 -11.30
CA LEU A 152 28.96 -5.81 -10.43
C LEU A 152 28.47 -4.46 -10.93
N LEU A 153 29.39 -3.62 -11.42
CA LEU A 153 29.06 -2.31 -11.97
C LEU A 153 28.12 -2.44 -13.17
N PHE A 154 28.47 -3.31 -14.13
CA PHE A 154 27.67 -3.50 -15.34
C PHE A 154 26.25 -3.94 -15.00
N PHE A 155 26.12 -5.01 -14.19
CA PHE A 155 24.79 -5.53 -13.91
C PHE A 155 23.99 -4.58 -13.02
N GLY A 156 24.64 -3.91 -12.06
CA GLY A 156 23.92 -2.96 -11.22
C GLY A 156 23.37 -1.78 -12.00
N LEU A 157 24.14 -1.21 -12.93
CA LEU A 157 23.59 -0.11 -13.74
C LEU A 157 22.46 -0.59 -14.65
N PHE A 158 22.61 -1.77 -15.25
CA PHE A 158 21.53 -2.30 -16.10
C PHE A 158 20.25 -2.50 -15.29
N LEU A 159 20.37 -3.12 -14.10
CA LEU A 159 19.19 -3.37 -13.29
C LEU A 159 18.62 -2.07 -12.72
N PHE A 160 19.47 -1.07 -12.45
CA PHE A 160 18.98 0.23 -12.02
C PHE A 160 18.16 0.92 -13.09
N LEU A 161 18.64 0.90 -14.35
CA LEU A 161 17.84 1.49 -15.44
C LEU A 161 16.52 0.77 -15.66
N ILE A 162 16.53 -0.58 -15.63
CA ILE A 162 15.28 -1.32 -15.84
C ILE A 162 14.29 -1.06 -14.68
N THR A 163 14.78 -1.02 -13.43
CA THR A 163 13.87 -0.81 -12.31
C THR A 163 13.38 0.62 -12.25
N LEU A 164 14.17 1.57 -12.79
CA LEU A 164 13.69 2.94 -12.94
C LEU A 164 12.58 2.99 -13.97
N ALA A 165 12.73 2.25 -15.08
CA ALA A 165 11.72 2.27 -16.12
C ALA A 165 10.43 1.57 -15.69
N SER A 166 10.54 0.44 -15.00
CA SER A 166 9.35 -0.37 -14.71
C SER A 166 8.71 -0.16 -13.33
N GLN A 167 9.49 0.22 -12.30
CA GLN A 167 9.00 0.51 -10.94
C GLN A 167 8.35 -0.72 -10.27
N LYS A 168 8.80 -1.90 -10.67
CA LYS A 168 8.35 -3.18 -10.13
C LYS A 168 9.57 -3.89 -9.55
N THR A 169 9.44 -4.49 -8.37
CA THR A 169 10.59 -5.11 -7.73
C THR A 169 10.75 -6.61 -7.98
N ALA A 170 9.62 -7.34 -8.02
CA ALA A 170 9.66 -8.78 -8.21
C ALA A 170 10.22 -9.14 -9.58
N MET A 171 10.08 -8.22 -10.53
CA MET A 171 10.60 -8.50 -11.85
C MET A 171 12.09 -8.36 -11.82
N ILE A 172 12.63 -7.45 -11.00
CA ILE A 172 14.05 -7.17 -11.04
C ILE A 172 14.80 -8.35 -10.46
N PHE A 173 14.29 -8.85 -9.32
CA PHE A 173 14.93 -10.01 -8.70
C PHE A 173 14.86 -11.23 -9.62
N SER A 174 13.67 -11.51 -10.19
CA SER A 174 13.55 -12.67 -11.08
C SER A 174 14.40 -12.52 -12.34
N LEU A 175 14.45 -11.32 -12.92
CA LEU A 175 15.27 -11.07 -14.10
C LEU A 175 16.76 -11.21 -13.81
N GLY A 176 17.22 -10.72 -12.65
CA GLY A 176 18.63 -10.89 -12.32
C GLY A 176 19.03 -12.34 -12.16
N VAL A 177 18.22 -13.11 -11.43
CA VAL A 177 18.50 -14.54 -11.27
C VAL A 177 18.46 -15.27 -12.62
N PHE A 178 17.44 -14.96 -13.42
CA PHE A 178 17.28 -15.57 -14.75
C PHE A 178 18.42 -15.22 -15.68
N LEU A 179 18.83 -13.94 -15.73
CA LEU A 179 19.91 -13.50 -16.60
C LEU A 179 21.23 -14.12 -16.19
N VAL A 180 21.46 -14.29 -14.89
CA VAL A 180 22.72 -14.90 -14.49
C VAL A 180 22.72 -16.38 -14.87
N LEU A 181 21.61 -17.08 -14.66
CA LEU A 181 21.74 -18.52 -14.80
C LEU A 181 21.24 -19.10 -16.13
N ILE A 182 20.69 -18.32 -17.07
CA ILE A 182 20.15 -18.96 -18.26
C ILE A 182 21.22 -19.19 -19.33
N VAL A 183 22.12 -18.23 -19.56
CA VAL A 183 23.09 -18.40 -20.66
C VAL A 183 24.10 -19.54 -20.47
N PRO A 184 24.80 -19.72 -19.32
CA PRO A 184 25.68 -20.90 -19.20
C PRO A 184 24.93 -22.20 -19.30
N PHE A 185 23.67 -22.23 -18.85
CA PHE A 185 22.84 -23.41 -18.96
C PHE A 185 22.39 -23.68 -20.38
N ILE A 186 22.08 -22.62 -21.14
CA ILE A 186 21.48 -22.90 -22.44
C ILE A 186 22.55 -23.19 -23.47
N LYS A 187 23.75 -22.56 -23.34
CA LYS A 187 24.77 -22.69 -24.40
C LYS A 187 25.23 -24.12 -24.77
N PRO A 188 25.56 -25.04 -23.84
CA PRO A 188 25.96 -26.41 -24.26
C PRO A 188 24.88 -27.20 -24.97
N PHE A 189 23.61 -27.01 -24.59
CA PHE A 189 22.52 -27.82 -25.11
C PHE A 189 22.02 -27.31 -26.45
N ILE A 190 22.47 -26.14 -26.92
CA ILE A 190 21.94 -25.60 -28.17
C ILE A 190 22.99 -25.20 -29.19
N THR A 191 24.14 -24.63 -28.78
CA THR A 191 25.10 -24.20 -29.82
C THR A 191 25.69 -25.34 -30.66
N PHE A 192 25.84 -26.55 -30.11
CA PHE A 192 26.54 -27.54 -30.93
C PHE A 192 25.68 -28.16 -32.04
N ILE A 193 24.36 -27.99 -32.00
CA ILE A 193 23.44 -28.47 -33.03
C ILE A 193 23.45 -27.79 -34.41
N PRO A 194 23.24 -26.47 -34.56
CA PRO A 194 23.12 -25.88 -35.90
C PRO A 194 24.34 -25.93 -36.80
N ARG A 195 24.04 -25.60 -38.07
CA ARG A 195 25.01 -25.28 -39.12
C ARG A 195 25.39 -23.81 -39.03
N TYR A 196 24.75 -23.11 -38.09
CA TYR A 196 24.95 -21.73 -37.72
C TYR A 196 25.60 -21.66 -36.35
N GLY A 197 25.97 -22.83 -35.80
CA GLY A 197 26.56 -22.91 -34.48
C GLY A 197 27.90 -22.24 -34.36
N GLU A 198 28.78 -22.41 -35.35
CA GLU A 198 30.09 -21.79 -35.27
C GLU A 198 29.98 -20.27 -35.27
N LYS A 199 29.10 -19.74 -36.13
CA LYS A 199 28.87 -18.30 -36.22
C LYS A 199 28.28 -17.74 -34.92
N VAL A 200 27.28 -18.43 -34.34
CA VAL A 200 26.66 -17.95 -33.10
C VAL A 200 27.65 -18.06 -31.94
N LEU A 201 28.47 -19.14 -31.93
CA LEU A 201 29.49 -19.33 -30.91
C LEU A 201 30.52 -18.20 -30.97
N ASP A 202 30.88 -17.79 -32.19
CA ASP A 202 31.79 -16.66 -32.34
C ASP A 202 31.13 -15.39 -31.84
N ALA A 203 29.84 -15.21 -32.14
CA ALA A 203 29.15 -14.01 -31.70
C ALA A 203 28.92 -13.98 -30.19
N PHE A 204 28.99 -15.14 -29.51
CA PHE A 204 28.88 -15.13 -28.05
C PHE A 204 30.12 -14.54 -27.38
N ASP A 205 31.20 -14.32 -28.12
CA ASP A 205 32.39 -13.72 -27.55
C ASP A 205 32.24 -12.20 -27.49
N TYR A 206 31.17 -11.66 -28.06
CA TYR A 206 30.96 -10.22 -28.09
C TYR A 206 29.68 -9.78 -27.39
N ILE A 207 28.78 -10.70 -27.04
CA ILE A 207 27.59 -10.29 -26.29
C ILE A 207 28.00 -10.18 -24.82
N PRO A 208 27.85 -8.98 -24.22
CA PRO A 208 28.38 -8.74 -22.85
C PRO A 208 27.79 -9.66 -21.80
N PHE A 209 26.49 -9.93 -21.90
CA PHE A 209 25.81 -10.82 -20.94
C PHE A 209 26.44 -12.20 -21.01
N ALA A 210 26.57 -12.72 -22.24
CA ALA A 210 27.01 -14.08 -22.49
C ALA A 210 28.44 -14.29 -22.01
N TYR A 211 29.38 -13.45 -22.45
CA TYR A 211 30.75 -13.74 -22.05
C TYR A 211 31.06 -13.33 -20.61
N LEU A 212 30.45 -12.26 -20.09
CA LEU A 212 30.65 -11.90 -18.70
C LEU A 212 30.10 -12.94 -17.75
N THR A 213 28.93 -13.51 -18.06
CA THR A 213 28.39 -14.57 -17.23
C THR A 213 29.16 -15.88 -17.44
N ASP A 214 29.58 -16.17 -18.68
CA ASP A 214 30.29 -17.42 -18.98
C ASP A 214 31.63 -17.50 -18.25
N LYS A 215 32.39 -16.42 -18.22
CA LYS A 215 33.73 -16.48 -17.65
C LYS A 215 33.74 -16.59 -16.13
N MET A 216 32.57 -16.58 -15.48
CA MET A 216 32.47 -16.71 -14.03
C MET A 216 32.97 -18.07 -13.52
N ILE A 217 32.65 -19.15 -14.23
CA ILE A 217 33.04 -20.49 -13.80
C ILE A 217 34.55 -20.67 -13.92
N SER A 218 35.16 -20.06 -14.93
CA SER A 218 36.56 -20.20 -15.30
C SER A 218 37.42 -19.70 -14.16
N SER A 219 38.60 -20.30 -13.99
CA SER A 219 39.38 -19.82 -12.86
C SER A 219 40.32 -18.67 -13.22
N ASN A 220 40.37 -18.26 -14.49
CA ASN A 220 41.18 -17.11 -14.84
C ASN A 220 40.36 -16.21 -15.78
N PHE A 221 40.57 -14.90 -15.67
CA PHE A 221 39.84 -13.91 -16.45
C PHE A 221 40.78 -13.39 -17.53
N ASP A 222 40.49 -13.69 -18.78
CA ASP A 222 41.38 -13.20 -19.82
C ASP A 222 40.50 -12.52 -20.87
N PHE A 223 40.87 -11.28 -21.17
CA PHE A 223 40.13 -10.42 -22.07
C PHE A 223 40.98 -9.96 -23.23
N SER A 224 40.36 -9.85 -24.40
CA SER A 224 41.00 -9.19 -25.52
C SER A 224 40.78 -7.69 -25.43
N ASN A 225 41.48 -6.95 -26.29
CA ASN A 225 41.39 -5.49 -26.30
C ASN A 225 39.97 -5.04 -26.66
N TRP A 226 39.38 -5.66 -27.69
CA TRP A 226 38.03 -5.35 -28.13
C TRP A 226 37.02 -5.65 -27.02
N GLN A 227 37.23 -6.76 -26.33
CA GLN A 227 36.33 -7.18 -25.26
C GLN A 227 36.36 -6.19 -24.09
N TRP A 228 37.56 -5.77 -23.70
CA TRP A 228 37.71 -4.77 -22.63
C TRP A 228 37.08 -3.43 -23.00
N VAL A 229 37.37 -2.94 -24.22
CA VAL A 229 36.82 -1.67 -24.70
C VAL A 229 35.30 -1.71 -24.75
N ILE A 230 34.71 -2.80 -25.28
CA ILE A 230 33.25 -2.86 -25.44
C ILE A 230 32.57 -2.91 -24.08
N SER A 231 33.18 -3.58 -23.09
CA SER A 231 32.58 -3.64 -21.75
C SER A 231 32.57 -2.24 -21.11
N LEU A 232 33.71 -1.53 -21.19
CA LEU A 232 33.78 -0.17 -20.65
C LEU A 232 32.82 0.77 -21.39
N GLY A 233 32.75 0.64 -22.71
CA GLY A 233 31.82 1.45 -23.48
C GLY A 233 30.38 1.21 -23.09
N SER A 234 30.01 -0.06 -22.84
CA SER A 234 28.66 -0.38 -22.42
C SER A 234 28.31 0.23 -21.08
N ILE A 235 29.25 0.19 -20.11
CA ILE A 235 28.97 0.82 -18.81
C ILE A 235 28.78 2.33 -18.97
N VAL A 236 29.63 2.99 -19.78
CA VAL A 236 29.51 4.44 -19.99
C VAL A 236 28.18 4.78 -20.66
N ILE A 237 27.75 3.98 -21.65
CA ILE A 237 26.49 4.20 -22.35
C ILE A 237 25.32 4.06 -21.38
N PHE A 238 25.39 3.06 -20.51
CA PHE A 238 24.35 2.87 -19.49
C PHE A 238 24.27 4.07 -18.56
N PHE A 239 25.42 4.60 -18.15
CA PHE A 239 25.44 5.79 -17.28
C PHE A 239 24.80 6.99 -17.96
N ILE A 240 25.14 7.25 -19.24
CA ILE A 240 24.55 8.40 -19.94
C ILE A 240 23.04 8.24 -20.09
N LEU A 241 22.58 7.02 -20.43
CA LEU A 241 21.15 6.76 -20.59
C LEU A 241 20.42 6.92 -19.26
N ASN A 242 21.02 6.45 -18.17
CA ASN A 242 20.45 6.60 -16.84
C ASN A 242 20.31 8.07 -16.46
N ILE A 243 21.36 8.87 -16.70
CA ILE A 243 21.32 10.30 -16.39
C ILE A 243 20.23 11.02 -17.19
N LEU A 244 20.13 10.68 -18.47
CA LEU A 244 19.14 11.32 -19.33
C LEU A 244 17.72 10.95 -18.91
N TYR A 245 17.49 9.68 -18.55
CA TYR A 245 16.12 9.30 -18.24
C TYR A 245 15.74 9.79 -16.84
N VAL A 246 16.72 9.86 -15.92
CA VAL A 246 16.42 10.29 -14.56
C VAL A 246 16.15 11.79 -14.54
N ALA A 247 16.62 12.52 -15.56
CA ALA A 247 16.40 13.96 -15.48
C ALA A 247 15.14 14.36 -16.21
N LYS A 248 14.41 13.39 -16.76
CA LYS A 248 13.17 13.65 -17.46
C LYS A 248 12.01 12.81 -16.91
N LYS A 249 12.26 11.92 -15.95
CA LYS A 249 11.18 11.10 -15.40
C LYS A 249 10.50 11.81 -14.22
N ASP A 250 9.17 11.73 -14.19
CA ASP A 250 8.37 12.29 -13.11
C ASP A 250 7.84 11.17 -12.21
N ILE A 251 8.01 11.33 -10.90
CA ILE A 251 7.62 10.25 -10.00
C ILE A 251 6.18 10.45 -9.50
N VAL B 1 -20.82 -28.35 2.17
CA VAL B 1 -21.78 -27.29 1.87
C VAL B 1 -21.74 -26.88 0.39
N PRO B 2 -22.85 -27.11 -0.32
CA PRO B 2 -22.94 -26.69 -1.72
C PRO B 2 -22.79 -25.18 -1.91
N ARG B 3 -23.24 -24.37 -0.94
CA ARG B 3 -23.03 -22.93 -1.00
C ARG B 3 -21.54 -22.59 -1.03
N GLY B 4 -20.75 -23.24 -0.17
CA GLY B 4 -19.31 -23.06 -0.17
C GLY B 4 -18.69 -23.55 -1.47
N SER B 5 -19.27 -24.60 -2.03
CA SER B 5 -18.85 -25.14 -3.32
C SER B 5 -19.05 -24.07 -4.40
N HIS B 6 -20.18 -23.38 -4.37
CA HIS B 6 -20.38 -22.30 -5.31
C HIS B 6 -19.38 -21.15 -5.09
N ARG B 7 -19.06 -20.82 -3.83
CA ARG B 7 -18.05 -19.79 -3.55
C ARG B 7 -16.67 -20.15 -4.13
N ILE B 8 -16.27 -21.42 -3.98
CA ILE B 8 -14.97 -21.85 -4.51
C ILE B 8 -15.02 -21.84 -6.03
N LEU B 9 -16.12 -22.33 -6.63
CA LEU B 9 -16.15 -22.43 -8.07
C LEU B 9 -16.16 -21.02 -8.68
N ASN B 10 -16.77 -20.06 -7.98
CA ASN B 10 -16.83 -18.72 -8.54
C ASN B 10 -15.44 -18.10 -8.52
N LEU B 11 -14.68 -18.37 -7.44
CA LEU B 11 -13.32 -17.84 -7.36
C LEU B 11 -12.39 -18.47 -8.41
N VAL B 12 -12.49 -19.79 -8.63
CA VAL B 12 -11.68 -20.43 -9.69
C VAL B 12 -12.05 -19.90 -11.07
N LYS B 13 -13.37 -19.74 -11.34
CA LYS B 13 -13.80 -19.22 -12.63
C LYS B 13 -13.26 -17.82 -12.88
N TYR B 14 -13.30 -16.97 -11.87
CA TYR B 14 -12.80 -15.60 -12.02
C TYR B 14 -11.28 -15.55 -12.11
N ASP B 15 -10.58 -16.46 -11.42
CA ASP B 15 -9.13 -16.56 -11.58
C ASP B 15 -8.78 -16.91 -13.03
N LEU B 16 -9.50 -17.89 -13.59
CA LEU B 16 -9.31 -18.26 -15.00
C LEU B 16 -9.67 -17.10 -15.92
N TYR B 17 -10.73 -16.35 -15.59
CA TYR B 17 -11.07 -15.18 -16.38
C TYR B 17 -9.96 -14.15 -16.36
N SER B 18 -9.35 -13.92 -15.19
CA SER B 18 -8.26 -12.96 -15.13
C SER B 18 -7.03 -13.46 -15.86
N ILE B 19 -6.81 -14.78 -15.90
CA ILE B 19 -5.69 -15.31 -16.67
C ILE B 19 -5.96 -15.10 -18.17
N PHE B 20 -7.20 -15.36 -18.62
CA PHE B 20 -7.52 -15.36 -20.05
C PHE B 20 -7.67 -13.94 -20.60
N LYS B 21 -7.69 -12.93 -19.75
CA LYS B 21 -7.95 -11.56 -20.14
C LYS B 21 -6.77 -10.64 -19.93
N SER B 22 -5.57 -11.10 -20.27
CA SER B 22 -4.39 -10.26 -20.11
C SER B 22 -3.58 -10.29 -21.41
N PRO B 23 -2.89 -9.20 -21.77
CA PRO B 23 -2.05 -9.23 -22.98
C PRO B 23 -0.75 -9.99 -22.84
N LEU B 24 -0.19 -10.10 -21.63
CA LEU B 24 1.05 -10.85 -21.46
C LEU B 24 0.88 -12.35 -21.74
N THR B 25 -0.29 -12.93 -21.42
CA THR B 25 -0.55 -14.34 -21.75
C THR B 25 -0.45 -14.62 -23.25
N TYR B 26 -0.91 -13.69 -24.08
CA TYR B 26 -0.81 -13.92 -25.52
C TYR B 26 0.52 -13.46 -26.05
N LEU B 27 1.14 -12.46 -25.43
CA LEU B 27 2.50 -12.11 -25.82
C LEU B 27 3.42 -13.30 -25.59
N ALA B 28 3.26 -13.97 -24.44
CA ALA B 28 4.07 -15.15 -24.13
C ALA B 28 3.79 -16.30 -25.10
N ILE B 29 2.51 -16.56 -25.42
CA ILE B 29 2.19 -17.63 -26.37
C ILE B 29 2.74 -17.33 -27.76
N LEU B 30 2.59 -16.08 -28.23
CA LEU B 30 3.14 -15.70 -29.53
C LEU B 30 4.65 -15.77 -29.57
N VAL B 31 5.34 -15.37 -28.48
CA VAL B 31 6.80 -15.44 -28.44
C VAL B 31 7.27 -16.89 -28.47
N VAL B 32 6.67 -17.75 -27.61
CA VAL B 32 7.10 -19.14 -27.55
C VAL B 32 6.80 -19.87 -28.86
N SER B 33 5.60 -19.65 -29.41
CA SER B 33 5.21 -20.30 -30.66
C SER B 33 6.06 -19.82 -31.83
N SER B 34 6.36 -18.51 -31.89
CA SER B 34 7.21 -17.98 -32.95
C SER B 34 8.63 -18.52 -32.86
N LEU B 35 9.18 -18.59 -31.63
CA LEU B 35 10.52 -19.13 -31.46
C LEU B 35 10.58 -20.60 -31.86
N ILE B 36 9.60 -21.41 -31.43
CA ILE B 36 9.61 -22.83 -31.76
C ILE B 36 9.43 -23.04 -33.26
N ALA B 37 8.51 -22.29 -33.89
CA ALA B 37 8.31 -22.42 -35.33
C ALA B 37 9.51 -21.97 -36.13
N THR B 38 10.13 -20.85 -35.73
CA THR B 38 11.34 -20.35 -36.40
C THR B 38 12.49 -21.34 -36.28
N GLN B 39 12.69 -21.88 -35.08
CA GLN B 39 13.74 -22.86 -34.85
C GLN B 39 13.52 -24.13 -35.68
N SER B 40 12.28 -24.64 -35.69
CA SER B 40 12.00 -25.85 -36.44
C SER B 40 12.18 -25.67 -37.95
N ILE B 41 11.68 -24.55 -38.49
CA ILE B 41 11.84 -24.32 -39.93
C ILE B 41 13.31 -24.12 -40.31
N LEU B 42 14.04 -23.30 -39.53
CA LEU B 42 15.46 -23.06 -39.79
C LEU B 42 16.37 -24.26 -39.62
N MET B 43 16.18 -25.10 -38.60
CA MET B 43 17.12 -26.17 -38.38
C MET B 43 16.66 -27.59 -38.64
N ALA B 44 15.36 -27.90 -38.50
CA ALA B 44 14.99 -29.30 -38.71
C ALA B 44 14.77 -29.62 -40.18
N ASN B 45 14.48 -28.61 -41.00
CA ASN B 45 14.15 -28.90 -42.39
C ASN B 45 15.33 -28.73 -43.35
N SER B 46 16.55 -28.44 -42.88
CA SER B 46 17.65 -28.34 -43.85
C SER B 46 19.05 -28.74 -43.40
N MET B 47 19.29 -29.70 -42.49
CA MET B 47 20.68 -29.90 -42.09
C MET B 47 21.41 -30.85 -43.04
N ASP B 48 21.19 -32.16 -42.88
CA ASP B 48 21.68 -33.24 -43.75
C ASP B 48 21.04 -33.21 -45.15
N ASN B 49 20.09 -32.30 -45.36
CA ASN B 49 19.32 -32.14 -46.59
C ASN B 49 18.49 -33.37 -46.98
N PRO B 50 17.66 -33.93 -46.07
CA PRO B 50 16.81 -35.06 -46.44
C PRO B 50 15.62 -34.56 -47.26
N LYS B 51 14.57 -35.38 -47.27
CA LYS B 51 13.35 -35.03 -47.98
C LYS B 51 12.41 -34.37 -46.97
N HIS B 52 13.00 -33.40 -46.26
CA HIS B 52 12.39 -32.52 -45.26
C HIS B 52 11.85 -33.27 -44.05
N ILE B 53 12.50 -34.39 -43.70
CA ILE B 53 12.14 -35.16 -42.52
C ILE B 53 12.59 -34.36 -41.30
N ILE B 54 11.80 -34.41 -40.22
CA ILE B 54 12.10 -33.76 -38.95
C ILE B 54 11.92 -34.77 -37.81
N VAL B 55 12.87 -34.75 -36.87
CA VAL B 55 12.79 -35.59 -35.69
C VAL B 55 12.14 -34.74 -34.59
N TYR B 56 11.06 -35.27 -33.98
CA TYR B 56 10.25 -34.43 -33.11
C TYR B 56 10.71 -34.40 -31.66
N GLY B 57 11.74 -35.18 -31.28
CA GLY B 57 12.16 -35.15 -29.89
C GLY B 57 12.73 -33.82 -29.42
N SER B 58 13.53 -33.16 -30.25
CA SER B 58 14.09 -31.87 -29.87
C SER B 58 13.02 -30.79 -29.76
N VAL B 59 12.08 -30.75 -30.71
CA VAL B 59 10.97 -29.80 -30.66
C VAL B 59 10.09 -30.07 -29.44
N PHE B 60 9.78 -31.36 -29.16
CA PHE B 60 9.02 -31.76 -27.98
C PHE B 60 9.66 -31.22 -26.72
N ALA B 61 10.97 -31.46 -26.56
CA ALA B 61 11.68 -31.06 -25.36
C ALA B 61 11.71 -29.54 -25.23
N ALA B 62 11.98 -28.83 -26.33
CA ALA B 62 12.06 -27.38 -26.30
C ALA B 62 10.71 -26.74 -25.97
N ALA B 63 9.62 -27.23 -26.59
CA ALA B 63 8.29 -26.70 -26.28
C ALA B 63 7.92 -26.98 -24.84
N LYS B 64 8.25 -28.18 -24.34
CA LYS B 64 7.98 -28.54 -22.95
C LYS B 64 8.74 -27.59 -22.01
N TRP B 65 10.02 -27.32 -22.31
CA TRP B 65 10.84 -26.44 -21.48
C TRP B 65 10.30 -25.02 -21.40
N LEU B 66 10.01 -24.40 -22.56
CA LEU B 66 9.49 -23.03 -22.54
C LEU B 66 8.13 -22.96 -21.87
N LEU B 67 7.24 -23.89 -22.18
CA LEU B 67 5.90 -23.86 -21.60
C LEU B 67 5.92 -24.15 -20.11
N LEU B 68 6.81 -25.04 -19.64
CA LEU B 68 6.92 -25.28 -18.21
C LEU B 68 7.40 -24.05 -17.45
N ILE B 69 8.45 -23.37 -17.95
CA ILE B 69 8.96 -22.20 -17.23
C ILE B 69 7.99 -21.03 -17.30
N ILE B 70 7.15 -21.00 -18.34
CA ILE B 70 6.15 -19.93 -18.40
C ILE B 70 4.95 -20.27 -17.54
N GLY B 71 4.51 -21.53 -17.55
CA GLY B 71 3.39 -21.90 -16.71
C GLY B 71 3.72 -21.80 -15.24
N LEU B 72 4.98 -22.11 -14.89
CA LEU B 72 5.44 -21.94 -13.52
C LEU B 72 5.39 -20.49 -13.09
N MET B 73 5.87 -19.56 -13.94
CA MET B 73 5.79 -18.16 -13.56
C MET B 73 4.35 -17.64 -13.49
N PHE B 74 3.48 -18.09 -14.41
CA PHE B 74 2.05 -17.76 -14.31
C PHE B 74 1.42 -18.29 -13.03
N VAL B 75 1.88 -19.46 -12.56
CA VAL B 75 1.39 -20.01 -11.29
C VAL B 75 1.90 -19.22 -10.11
N VAL B 76 3.17 -18.81 -10.13
CA VAL B 76 3.71 -18.03 -9.01
C VAL B 76 2.97 -16.71 -8.91
N LYS B 77 2.74 -16.05 -10.06
CA LYS B 77 1.99 -14.79 -10.09
C LYS B 77 0.55 -14.98 -9.59
N THR B 78 -0.11 -16.06 -10.01
CA THR B 78 -1.47 -16.37 -9.59
C THR B 78 -1.56 -16.55 -8.07
N ILE B 79 -0.59 -17.26 -7.51
CA ILE B 79 -0.61 -17.56 -6.08
C ILE B 79 -0.14 -16.34 -5.27
N THR B 80 0.55 -15.41 -5.92
CA THR B 80 1.04 -14.26 -5.16
C THR B 80 0.23 -12.98 -5.37
N ARG B 81 -0.81 -13.03 -6.21
CA ARG B 81 -1.67 -11.89 -6.52
C ARG B 81 -2.26 -11.27 -5.25
N ASP B 82 -2.86 -12.13 -4.40
CA ASP B 82 -3.54 -11.64 -3.21
C ASP B 82 -2.58 -11.01 -2.22
N PHE B 83 -1.40 -11.59 -2.02
CA PHE B 83 -0.39 -10.97 -1.16
C PHE B 83 0.15 -9.69 -1.76
N SER B 84 0.17 -9.60 -3.09
CA SER B 84 0.64 -8.39 -3.75
C SER B 84 -0.31 -7.22 -3.54
N GLN B 85 -1.60 -7.43 -3.75
CA GLN B 85 -2.52 -6.31 -3.51
C GLN B 85 -2.95 -6.17 -2.05
N GLY B 86 -2.66 -7.15 -1.21
CA GLY B 86 -3.04 -7.13 0.18
C GLY B 86 -4.51 -7.35 0.48
N THR B 87 -5.30 -7.80 -0.51
CA THR B 87 -6.71 -8.12 -0.30
C THR B 87 -6.93 -9.46 0.40
N ILE B 88 -5.87 -10.22 0.68
CA ILE B 88 -5.98 -11.52 1.34
C ILE B 88 -6.58 -11.42 2.74
N GLN B 89 -6.49 -10.24 3.38
CA GLN B 89 -7.08 -10.04 4.70
C GLN B 89 -8.60 -10.22 4.65
N LEU B 90 -9.23 -9.91 3.52
CA LEU B 90 -10.67 -10.06 3.42
C LEU B 90 -11.08 -11.51 3.29
N TYR B 91 -10.19 -12.41 2.87
CA TYR B 91 -10.59 -13.79 2.67
C TYR B 91 -10.28 -14.65 3.88
N MET B 92 -9.19 -14.37 4.57
CA MET B 92 -8.78 -15.13 5.76
C MET B 92 -9.50 -14.64 7.02
N SER B 93 -10.82 -14.79 7.01
CA SER B 93 -11.65 -14.36 8.13
C SER B 93 -12.08 -15.50 9.04
N LYS B 94 -12.81 -16.48 8.53
CA LYS B 94 -13.27 -17.59 9.36
C LYS B 94 -12.62 -18.86 8.80
N VAL B 95 -12.67 -19.92 9.60
CA VAL B 95 -12.01 -21.17 9.21
C VAL B 95 -12.61 -21.78 7.95
N LYS B 96 -13.95 -21.75 7.81
CA LYS B 96 -14.58 -22.34 6.64
C LYS B 96 -14.19 -21.61 5.34
N THR B 97 -14.15 -20.27 5.35
CA THR B 97 -13.65 -19.58 4.16
C THR B 97 -12.16 -19.85 3.95
N ARG B 98 -11.35 -19.89 5.02
CA ARG B 98 -9.91 -20.16 4.85
C ARG B 98 -9.64 -21.55 4.24
N VAL B 99 -10.51 -22.51 4.50
CA VAL B 99 -10.27 -23.82 3.92
C VAL B 99 -10.83 -23.87 2.50
N GLY B 100 -12.00 -23.25 2.27
CA GLY B 100 -12.52 -23.18 0.92
C GLY B 100 -11.57 -22.40 0.01
N TYR B 101 -10.86 -21.42 0.59
CA TYR B 101 -9.83 -20.67 -0.11
C TYR B 101 -8.71 -21.60 -0.59
N ILE B 102 -8.22 -22.48 0.29
CA ILE B 102 -7.14 -23.39 -0.12
C ILE B 102 -7.62 -24.39 -1.17
N ILE B 103 -8.85 -24.93 -1.00
CA ILE B 103 -9.41 -25.85 -1.99
C ILE B 103 -9.55 -25.15 -3.35
N SER B 104 -10.03 -23.91 -3.35
CA SER B 104 -10.19 -23.13 -4.58
C SER B 104 -8.84 -22.88 -5.24
N LYS B 105 -7.80 -22.58 -4.44
CA LYS B 105 -6.47 -22.37 -5.01
C LYS B 105 -5.96 -23.64 -5.68
N THR B 106 -6.18 -24.80 -5.03
CA THR B 106 -5.77 -26.09 -5.60
C THR B 106 -6.51 -26.38 -6.91
N ILE B 107 -7.82 -26.11 -6.95
CA ILE B 107 -8.61 -26.33 -8.16
C ILE B 107 -8.14 -25.41 -9.28
N SER B 108 -7.77 -24.16 -8.92
CA SER B 108 -7.23 -23.22 -9.89
C SER B 108 -5.93 -23.73 -10.47
N ILE B 109 -5.09 -24.33 -9.61
CA ILE B 109 -3.83 -24.93 -10.05
C ILE B 109 -4.09 -26.05 -11.05
N ILE B 110 -5.08 -26.91 -10.74
CA ILE B 110 -5.42 -28.04 -11.61
C ILE B 110 -5.88 -27.54 -12.98
N LEU B 111 -6.79 -26.55 -13.00
CA LEU B 111 -7.29 -26.05 -14.28
C LEU B 111 -6.24 -25.30 -15.11
N ILE B 112 -5.37 -24.50 -14.47
CA ILE B 112 -4.31 -23.82 -15.23
C ILE B 112 -3.36 -24.85 -15.87
N SER B 113 -2.97 -25.89 -15.10
CA SER B 113 -2.10 -26.94 -15.65
C SER B 113 -2.75 -27.66 -16.83
N ILE B 114 -4.06 -28.00 -16.71
CA ILE B 114 -4.77 -28.66 -17.80
C ILE B 114 -4.83 -27.78 -19.04
N LEU B 115 -5.08 -26.49 -18.83
CA LEU B 115 -5.18 -25.53 -19.94
C LEU B 115 -3.85 -25.44 -20.68
N PHE B 116 -2.74 -25.39 -19.93
CA PHE B 116 -1.42 -25.30 -20.56
C PHE B 116 -1.07 -26.58 -21.30
N ALA B 117 -1.48 -27.74 -20.77
CA ALA B 117 -1.28 -29.00 -21.48
C ALA B 117 -2.04 -29.01 -22.81
N LEU B 118 -3.27 -28.48 -22.81
CA LEU B 118 -4.04 -28.35 -24.04
C LEU B 118 -3.37 -27.41 -25.03
N ILE B 119 -2.78 -26.31 -24.52
CA ILE B 119 -2.02 -25.37 -25.36
C ILE B 119 -0.84 -26.08 -26.03
N HIS B 120 -0.12 -26.88 -25.25
CA HIS B 120 1.00 -27.66 -25.78
C HIS B 120 0.52 -28.61 -26.89
N TYR B 121 -0.60 -29.29 -26.64
CA TYR B 121 -1.17 -30.21 -27.63
C TYR B 121 -1.53 -29.50 -28.92
N VAL B 122 -2.22 -28.35 -28.84
CA VAL B 122 -2.62 -27.65 -30.06
C VAL B 122 -1.41 -27.14 -30.86
N ILE B 123 -0.43 -26.51 -30.19
CA ILE B 123 0.73 -25.99 -30.92
C ILE B 123 1.52 -27.11 -31.59
N LEU B 124 1.81 -28.20 -30.86
CA LEU B 124 2.59 -29.25 -31.49
C LEU B 124 1.79 -29.94 -32.61
N ILE B 125 0.47 -30.12 -32.43
CA ILE B 125 -0.33 -30.78 -33.48
C ILE B 125 -0.34 -29.93 -34.76
N VAL B 126 -0.49 -28.59 -34.66
CA VAL B 126 -0.45 -27.77 -35.88
C VAL B 126 0.93 -27.88 -36.54
N VAL B 127 2.01 -27.86 -35.73
CA VAL B 127 3.38 -27.97 -36.27
C VAL B 127 3.55 -29.32 -36.97
N GLN B 128 3.06 -30.39 -36.34
CA GLN B 128 3.13 -31.74 -36.89
C GLN B 128 2.31 -31.85 -38.18
N ALA B 129 1.16 -31.18 -38.23
CA ALA B 129 0.32 -31.21 -39.42
C ALA B 129 1.06 -30.54 -40.57
N SER B 130 1.76 -29.44 -40.26
CA SER B 130 2.45 -28.68 -41.30
C SER B 130 3.64 -29.47 -41.84
N SER B 131 4.45 -30.03 -40.93
CA SER B 131 5.72 -30.63 -41.35
C SER B 131 5.58 -32.10 -41.75
N ASN B 132 6.70 -32.78 -41.94
CA ASN B 132 6.77 -34.16 -42.40
C ASN B 132 7.59 -35.02 -41.46
N GLY B 133 7.05 -36.17 -41.09
CA GLY B 133 7.75 -37.07 -40.18
C GLY B 133 6.85 -38.18 -39.69
N LYS B 134 7.24 -38.73 -38.54
CA LYS B 134 6.49 -39.79 -37.87
C LYS B 134 5.77 -39.23 -36.66
N ASN B 135 4.45 -39.39 -36.63
CA ASN B 135 3.64 -38.79 -35.57
C ASN B 135 3.87 -39.45 -34.22
N LEU B 136 3.49 -38.74 -33.16
CA LEU B 136 3.63 -39.23 -31.80
C LEU B 136 2.37 -39.97 -31.39
N ALA B 137 2.24 -40.27 -30.10
CA ALA B 137 1.10 -41.05 -29.65
C ALA B 137 0.26 -40.33 -28.60
N PHE B 138 -1.02 -40.69 -28.55
CA PHE B 138 -1.92 -40.07 -27.59
C PHE B 138 -1.57 -40.50 -26.18
N SER B 139 -1.11 -41.76 -26.01
CA SER B 139 -0.69 -42.19 -24.67
C SER B 139 0.47 -41.35 -24.16
N LYS B 140 1.36 -40.92 -25.07
CA LYS B 140 2.43 -40.00 -24.74
C LYS B 140 1.86 -38.67 -24.31
N TYR B 141 0.84 -38.18 -25.01
CA TYR B 141 0.28 -36.90 -24.60
C TYR B 141 -0.47 -36.97 -23.26
N VAL B 142 -1.21 -38.05 -22.99
CA VAL B 142 -1.88 -38.15 -21.69
C VAL B 142 -0.88 -38.29 -20.53
N ASP B 143 0.15 -39.15 -20.66
CA ASP B 143 1.15 -39.22 -19.60
C ASP B 143 1.93 -37.90 -19.46
N ASN B 144 2.19 -37.21 -20.58
CA ASN B 144 2.80 -35.88 -20.55
C ASN B 144 1.92 -34.90 -19.78
N LEU B 145 0.59 -35.01 -19.97
CA LEU B 145 -0.37 -34.20 -19.23
C LEU B 145 -0.22 -34.46 -17.73
N TRP B 146 -0.08 -35.74 -17.36
CA TRP B 146 0.13 -36.10 -15.96
C TRP B 146 1.41 -35.45 -15.43
N PHE B 147 2.48 -35.48 -16.24
CA PHE B 147 3.75 -34.88 -15.80
C PHE B 147 3.61 -33.37 -15.59
N PHE B 148 2.92 -32.68 -16.51
CA PHE B 148 2.64 -31.25 -16.35
C PHE B 148 1.89 -31.00 -15.05
N LEU B 149 0.83 -31.78 -14.82
CA LEU B 149 0.01 -31.66 -13.63
C LEU B 149 0.82 -31.85 -12.35
N ILE B 150 1.59 -32.94 -12.27
CA ILE B 150 2.33 -33.26 -11.05
C ILE B 150 3.39 -32.20 -10.76
N PHE B 151 4.22 -31.85 -11.76
CA PHE B 151 5.28 -30.88 -11.57
C PHE B 151 4.75 -29.52 -11.12
N LEU B 152 3.76 -29.00 -11.87
CA LEU B 152 3.24 -27.66 -11.60
C LEU B 152 2.52 -27.63 -10.26
N LEU B 153 1.76 -28.68 -9.96
CA LEU B 153 1.04 -28.81 -8.69
C LEU B 153 2.03 -28.82 -7.52
N PHE B 154 3.10 -29.63 -7.62
CA PHE B 154 4.12 -29.77 -6.58
C PHE B 154 4.76 -28.42 -6.27
N PHE B 155 5.25 -27.75 -7.31
CA PHE B 155 5.96 -26.50 -7.08
C PHE B 155 5.01 -25.42 -6.58
N GLY B 156 3.78 -25.39 -7.09
CA GLY B 156 2.83 -24.40 -6.62
C GLY B 156 2.48 -24.59 -5.15
N LEU B 157 2.28 -25.84 -4.67
CA LEU B 157 2.00 -26.02 -3.24
C LEU B 157 3.20 -25.67 -2.37
N PHE B 158 4.41 -26.06 -2.80
CA PHE B 158 5.62 -25.70 -2.05
C PHE B 158 5.77 -24.18 -1.94
N LEU B 159 5.61 -23.49 -3.08
CA LEU B 159 5.75 -22.03 -3.06
C LEU B 159 4.61 -21.38 -2.30
N PHE B 160 3.44 -22.01 -2.28
CA PHE B 160 2.34 -21.50 -1.46
C PHE B 160 2.67 -21.59 0.02
N LEU B 161 3.24 -22.72 0.47
CA LEU B 161 3.68 -22.84 1.87
C LEU B 161 4.75 -21.82 2.25
N ILE B 162 5.76 -21.65 1.39
CA ILE B 162 6.83 -20.69 1.67
C ILE B 162 6.27 -19.26 1.69
N THR B 163 5.35 -18.93 0.77
CA THR B 163 4.82 -17.57 0.70
C THR B 163 3.89 -17.30 1.87
N LEU B 164 3.23 -18.34 2.38
CA LEU B 164 2.47 -18.24 3.61
C LEU B 164 3.36 -17.97 4.81
N ALA B 165 4.51 -18.65 4.88
CA ALA B 165 5.42 -18.46 6.00
C ALA B 165 6.11 -17.10 5.95
N SER B 166 6.42 -16.58 4.76
CA SER B 166 7.26 -15.41 4.67
C SER B 166 6.53 -14.09 4.41
N GLN B 167 5.44 -14.10 3.62
CA GLN B 167 4.66 -12.90 3.25
C GLN B 167 5.50 -11.89 2.47
N LYS B 168 6.47 -12.39 1.71
CA LYS B 168 7.32 -11.59 0.84
C LYS B 168 7.15 -12.13 -0.58
N THR B 169 7.09 -11.25 -1.57
CA THR B 169 6.78 -11.68 -2.94
C THR B 169 7.99 -11.82 -3.86
N ALA B 170 9.01 -10.97 -3.66
CA ALA B 170 10.23 -11.02 -4.46
C ALA B 170 10.98 -12.31 -4.19
N MET B 171 10.98 -12.75 -2.94
CA MET B 171 11.68 -13.96 -2.55
C MET B 171 11.07 -15.17 -3.23
N ILE B 172 9.75 -15.22 -3.37
CA ILE B 172 9.09 -16.34 -4.03
C ILE B 172 9.44 -16.39 -5.51
N PHE B 173 9.41 -15.24 -6.20
CA PHE B 173 9.76 -15.26 -7.62
C PHE B 173 11.22 -15.66 -7.86
N SER B 174 12.11 -15.14 -7.02
CA SER B 174 13.52 -15.50 -7.13
C SER B 174 13.75 -16.96 -6.77
N LEU B 175 13.08 -17.43 -5.71
CA LEU B 175 13.28 -18.79 -5.24
C LEU B 175 12.75 -19.80 -6.26
N GLY B 176 11.62 -19.49 -6.92
CA GLY B 176 11.11 -20.36 -7.96
C GLY B 176 12.07 -20.53 -9.12
N VAL B 177 12.60 -19.40 -9.62
CA VAL B 177 13.57 -19.46 -10.72
C VAL B 177 14.84 -20.18 -10.27
N PHE B 178 15.29 -19.89 -9.04
CA PHE B 178 16.48 -20.49 -8.47
C PHE B 178 16.35 -22.01 -8.37
N LEU B 179 15.21 -22.49 -7.85
CA LEU B 179 15.02 -23.93 -7.69
C LEU B 179 14.92 -24.63 -9.04
N VAL B 180 14.35 -23.96 -10.04
CA VAL B 180 14.28 -24.62 -11.34
C VAL B 180 15.68 -24.70 -11.96
N LEU B 181 16.48 -23.64 -11.88
CA LEU B 181 17.68 -23.65 -12.70
C LEU B 181 18.98 -23.99 -11.98
N ILE B 182 19.03 -24.22 -10.68
CA ILE B 182 20.34 -24.41 -10.06
C ILE B 182 20.80 -25.86 -10.14
N VAL B 183 19.92 -26.85 -9.95
CA VAL B 183 20.35 -28.26 -9.89
C VAL B 183 20.91 -28.77 -11.22
N PRO B 184 20.23 -28.59 -12.40
CA PRO B 184 20.85 -29.04 -13.65
C PRO B 184 22.14 -28.31 -13.95
N PHE B 185 22.26 -27.06 -13.50
CA PHE B 185 23.48 -26.30 -13.70
C PHE B 185 24.63 -26.76 -12.80
N ILE B 186 24.33 -27.13 -11.56
CA ILE B 186 25.45 -27.48 -10.69
C ILE B 186 25.92 -28.91 -10.95
N LYS B 187 25.00 -29.86 -11.30
CA LYS B 187 25.46 -31.26 -11.35
C LYS B 187 26.62 -31.61 -12.31
N PRO B 188 26.66 -31.22 -13.60
CA PRO B 188 27.83 -31.60 -14.42
C PRO B 188 29.15 -31.00 -13.98
N PHE B 189 29.14 -29.77 -13.44
CA PHE B 189 30.40 -29.11 -13.10
C PHE B 189 30.96 -29.52 -11.75
N ILE B 190 30.19 -30.24 -10.92
CA ILE B 190 30.65 -30.59 -9.59
C ILE B 190 30.44 -32.06 -9.23
N THR B 191 29.32 -32.67 -9.64
CA THR B 191 29.02 -34.04 -9.23
C THR B 191 30.03 -35.08 -9.73
N PHE B 192 30.49 -34.98 -10.98
CA PHE B 192 31.38 -36.03 -11.47
C PHE B 192 32.77 -36.03 -10.84
N ILE B 193 33.16 -34.96 -10.17
CA ILE B 193 34.47 -34.84 -9.51
C ILE B 193 34.76 -35.72 -8.29
N PRO B 194 33.97 -35.75 -7.21
CA PRO B 194 34.38 -36.51 -6.02
C PRO B 194 34.36 -38.04 -6.11
N ARG B 195 34.82 -38.61 -4.98
CA ARG B 195 34.75 -40.01 -4.60
C ARG B 195 33.47 -40.26 -3.83
N TYR B 196 32.55 -39.32 -3.93
CA TYR B 196 31.24 -39.28 -3.31
C TYR B 196 30.23 -38.93 -4.38
N GLY B 197 30.74 -38.76 -5.61
CA GLY B 197 29.92 -38.32 -6.73
C GLY B 197 28.91 -39.38 -7.10
N GLU B 198 29.32 -40.66 -7.08
CA GLU B 198 28.40 -41.72 -7.45
C GLU B 198 27.26 -41.82 -6.43
N LYS B 199 27.59 -41.65 -5.14
CA LYS B 199 26.58 -41.69 -4.08
C LYS B 199 25.59 -40.54 -4.22
N VAL B 200 26.10 -39.32 -4.46
CA VAL B 200 25.21 -38.17 -4.61
C VAL B 200 24.40 -38.28 -5.91
N LEU B 201 25.01 -38.83 -6.97
CA LEU B 201 24.32 -39.03 -8.24
C LEU B 201 23.17 -40.01 -8.07
N ASP B 202 23.39 -41.06 -7.28
CA ASP B 202 22.34 -42.03 -6.99
C ASP B 202 21.28 -41.40 -6.09
N ALA B 203 21.69 -40.54 -5.15
CA ALA B 203 20.74 -39.88 -4.27
C ALA B 203 19.95 -38.80 -5.01
N PHE B 204 20.43 -38.36 -6.18
CA PHE B 204 19.68 -37.40 -6.99
C PHE B 204 18.42 -38.02 -7.59
N ASP B 205 18.29 -39.35 -7.53
CA ASP B 205 17.13 -40.03 -8.07
C ASP B 205 16.04 -40.16 -7.02
N TYR B 206 16.26 -39.62 -5.82
CA TYR B 206 15.30 -39.71 -4.73
C TYR B 206 14.85 -38.34 -4.24
N ILE B 207 15.65 -37.29 -4.43
CA ILE B 207 15.20 -35.96 -4.05
C ILE B 207 14.20 -35.48 -5.09
N PRO B 208 12.96 -35.12 -4.68
CA PRO B 208 11.90 -34.78 -5.66
C PRO B 208 12.28 -33.61 -6.55
N PHE B 209 12.93 -32.59 -5.95
CA PHE B 209 13.36 -31.42 -6.68
C PHE B 209 14.32 -31.83 -7.78
N ALA B 210 15.30 -32.65 -7.40
CA ALA B 210 16.41 -33.05 -8.24
C ALA B 210 15.94 -33.87 -9.43
N TYR B 211 15.15 -34.94 -9.20
CA TYR B 211 14.81 -35.71 -10.38
C TYR B 211 13.72 -35.05 -11.23
N LEU B 212 12.79 -34.26 -10.63
CA LEU B 212 11.84 -33.52 -11.46
C LEU B 212 12.53 -32.48 -12.34
N THR B 213 13.53 -31.76 -11.80
CA THR B 213 14.23 -30.81 -12.65
C THR B 213 15.13 -31.50 -13.67
N ASP B 214 15.75 -32.63 -13.31
CA ASP B 214 16.59 -33.30 -14.30
C ASP B 214 15.70 -33.79 -15.43
N LYS B 215 14.55 -34.42 -15.09
CA LYS B 215 13.69 -34.97 -16.11
C LYS B 215 12.80 -33.91 -16.79
N MET B 216 12.96 -32.62 -16.47
CA MET B 216 12.10 -31.62 -17.11
C MET B 216 12.42 -31.39 -18.59
N ILE B 217 13.70 -31.46 -18.98
CA ILE B 217 14.11 -31.14 -20.34
C ILE B 217 14.22 -32.41 -21.21
N SER B 218 13.94 -33.57 -20.64
CA SER B 218 14.02 -34.79 -21.42
C SER B 218 12.84 -34.97 -22.37
N SER B 219 13.12 -35.65 -23.49
CA SER B 219 12.12 -35.91 -24.53
C SER B 219 11.45 -37.26 -24.32
N ASN B 220 11.90 -38.02 -23.34
CA ASN B 220 11.32 -39.31 -22.96
C ASN B 220 11.26 -39.34 -21.45
N PHE B 221 10.26 -40.04 -20.92
CA PHE B 221 10.04 -40.03 -19.49
C PHE B 221 9.25 -41.26 -19.07
N ASP B 222 9.90 -42.10 -18.27
CA ASP B 222 9.15 -43.21 -17.68
C ASP B 222 9.65 -43.17 -16.24
N PHE B 223 8.69 -43.35 -15.34
CA PHE B 223 8.91 -43.19 -13.91
C PHE B 223 9.12 -44.54 -13.26
N SER B 224 9.84 -44.53 -12.15
CA SER B 224 9.88 -45.71 -11.31
C SER B 224 8.86 -45.64 -10.18
N ASN B 225 8.63 -46.82 -9.57
CA ASN B 225 7.63 -46.99 -8.52
C ASN B 225 7.94 -46.10 -7.31
N TRP B 226 9.21 -46.05 -6.91
CA TRP B 226 9.62 -45.24 -5.76
C TRP B 226 9.38 -43.77 -6.04
N GLN B 227 9.63 -43.34 -7.29
CA GLN B 227 9.39 -41.96 -7.66
C GLN B 227 7.91 -41.61 -7.55
N TRP B 228 7.04 -42.53 -8.00
CA TRP B 228 5.60 -42.30 -7.89
C TRP B 228 5.16 -42.21 -6.43
N VAL B 229 5.64 -43.14 -5.58
CA VAL B 229 5.29 -43.13 -4.17
C VAL B 229 5.74 -41.86 -3.48
N ILE B 230 7.00 -41.45 -3.72
CA ILE B 230 7.53 -40.24 -3.05
C ILE B 230 6.78 -39.00 -3.52
N SER B 231 6.53 -38.86 -4.82
CA SER B 231 5.87 -37.66 -5.33
C SER B 231 4.44 -37.53 -4.82
N LEU B 232 3.63 -38.61 -4.90
CA LEU B 232 2.26 -38.52 -4.41
C LEU B 232 2.18 -38.31 -2.90
N GLY B 233 3.02 -39.02 -2.14
CA GLY B 233 3.04 -38.84 -0.69
C GLY B 233 3.46 -37.43 -0.31
N SER B 234 4.45 -36.88 -1.04
CA SER B 234 4.90 -35.52 -0.82
C SER B 234 3.80 -34.52 -1.13
N ILE B 235 3.03 -34.77 -2.20
CA ILE B 235 1.91 -33.89 -2.56
C ILE B 235 0.88 -33.86 -1.43
N VAL B 236 0.55 -35.04 -0.89
CA VAL B 236 -0.42 -35.14 0.18
C VAL B 236 0.09 -34.44 1.45
N ILE B 237 1.37 -34.64 1.81
CA ILE B 237 1.92 -34.00 3.00
C ILE B 237 1.93 -32.48 2.87
N PHE B 238 2.31 -31.93 1.69
CA PHE B 238 2.27 -30.47 1.51
C PHE B 238 0.85 -29.93 1.64
N PHE B 239 -0.14 -30.62 1.06
CA PHE B 239 -1.54 -30.18 1.18
C PHE B 239 -1.98 -30.15 2.64
N ILE B 240 -1.68 -31.21 3.40
CA ILE B 240 -2.07 -31.27 4.82
C ILE B 240 -1.39 -30.17 5.62
N LEU B 241 -0.09 -29.95 5.37
CA LEU B 241 0.66 -28.90 6.07
C LEU B 241 0.11 -27.52 5.74
N ASN B 242 -0.25 -27.29 4.47
CA ASN B 242 -0.85 -26.02 4.07
C ASN B 242 -2.15 -25.77 4.81
N ILE B 243 -3.01 -26.79 4.93
CA ILE B 243 -4.29 -26.64 5.63
C ILE B 243 -4.05 -26.31 7.11
N LEU B 244 -3.08 -27.01 7.71
CA LEU B 244 -2.76 -26.82 9.13
C LEU B 244 -2.19 -25.42 9.36
N TYR B 245 -1.36 -24.92 8.44
CA TYR B 245 -0.78 -23.60 8.67
C TYR B 245 -1.85 -22.52 8.46
N VAL B 246 -2.75 -22.73 7.50
CA VAL B 246 -3.77 -21.72 7.19
C VAL B 246 -4.76 -21.59 8.34
N ALA B 247 -4.88 -22.62 9.18
CA ALA B 247 -5.88 -22.49 10.24
C ALA B 247 -5.29 -21.90 11.52
N LYS B 248 -3.98 -21.62 11.54
CA LYS B 248 -3.35 -21.09 12.75
C LYS B 248 -2.64 -19.74 12.57
N LYS B 249 -2.60 -19.18 11.35
CA LYS B 249 -1.90 -17.91 11.17
C LYS B 249 -2.81 -16.71 11.42
N ASP B 250 -2.23 -15.64 11.96
CA ASP B 250 -2.97 -14.41 12.20
C ASP B 250 -2.33 -13.23 11.46
N ILE B 251 -3.16 -12.42 10.82
CA ILE B 251 -2.63 -11.22 10.14
C ILE B 251 -2.62 -10.02 11.09
N MET C 1 8.01 30.95 -2.99
CA MET C 1 7.47 29.87 -3.79
C MET C 1 6.36 30.51 -4.64
N LYS C 2 6.53 30.53 -5.96
CA LYS C 2 5.51 31.10 -6.83
C LYS C 2 5.22 30.18 -8.01
N LEU C 3 3.97 30.18 -8.47
CA LEU C 3 3.53 29.47 -9.66
C LEU C 3 3.02 30.49 -10.66
N GLU C 4 3.33 30.32 -11.94
CA GLU C 4 2.89 31.23 -12.98
C GLU C 4 2.45 30.45 -14.20
N HIS C 5 1.15 30.61 -14.55
CA HIS C 5 0.55 30.03 -15.77
C HIS C 5 0.69 28.52 -15.87
N ILE C 6 0.45 27.83 -14.76
CA ILE C 6 0.53 26.37 -14.70
C ILE C 6 -0.72 25.75 -15.33
N THR C 7 -0.52 24.82 -16.26
CA THR C 7 -1.59 24.10 -16.94
C THR C 7 -1.14 22.66 -17.18
N LYS C 8 -1.61 21.75 -16.33
CA LYS C 8 -1.24 20.34 -16.43
C LYS C 8 -2.48 19.53 -16.85
N LYS C 9 -2.31 18.63 -17.81
CA LYS C 9 -3.43 17.81 -18.27
C LYS C 9 -3.00 16.36 -18.41
N TYR C 10 -3.93 15.43 -18.17
CA TYR C 10 -3.68 14.01 -18.33
C TYR C 10 -4.55 13.53 -19.49
N GLY C 11 -3.96 13.43 -20.67
CA GLY C 11 -4.73 13.07 -21.84
C GLY C 11 -5.75 14.14 -22.21
N SER C 12 -7.01 13.71 -22.36
CA SER C 12 -8.05 14.69 -22.68
C SER C 12 -8.47 15.51 -21.46
N ASN C 13 -8.47 14.91 -20.27
CA ASN C 13 -8.84 15.65 -19.07
C ASN C 13 -7.76 16.68 -18.73
N VAL C 14 -8.17 17.91 -18.46
CA VAL C 14 -7.26 18.96 -18.03
C VAL C 14 -7.55 19.18 -16.55
N VAL C 15 -6.52 19.20 -15.71
CA VAL C 15 -6.81 19.33 -14.28
C VAL C 15 -6.56 20.74 -13.79
N LEU C 16 -5.41 21.32 -14.12
CA LEU C 16 -5.15 22.70 -13.72
C LEU C 16 -5.06 23.58 -14.97
N ASN C 17 -5.64 24.79 -14.90
CA ASN C 17 -5.75 25.70 -16.04
C ASN C 17 -5.27 27.14 -15.79
N ASP C 18 -3.96 27.41 -15.99
CA ASP C 18 -3.37 28.78 -15.95
C ASP C 18 -3.58 29.52 -14.63
N ILE C 19 -2.99 28.99 -13.56
CA ILE C 19 -3.11 29.51 -12.21
C ILE C 19 -1.88 30.34 -11.83
N ASP C 20 -2.04 31.21 -10.84
CA ASP C 20 -0.98 32.04 -10.29
C ASP C 20 -1.12 31.90 -8.79
N PHE C 21 -0.02 32.02 -8.06
CA PHE C 21 -0.01 31.91 -6.61
C PHE C 21 1.19 32.65 -6.03
N ASP C 22 1.07 33.15 -4.80
CA ASP C 22 2.15 33.85 -4.12
C ASP C 22 1.81 34.01 -2.65
N PHE C 23 2.82 33.76 -1.82
CA PHE C 23 2.73 33.96 -0.37
C PHE C 23 2.90 35.44 -0.08
N GLY C 24 1.79 36.17 -0.07
CA GLY C 24 1.85 37.60 0.20
C GLY C 24 1.58 38.02 1.63
N ASP C 25 2.64 38.27 2.41
CA ASP C 25 2.56 38.68 3.82
C ASP C 25 1.76 37.71 4.69
N SER C 26 1.74 36.45 4.30
CA SER C 26 1.03 35.41 5.02
C SER C 26 1.96 34.23 5.27
N ARG C 27 1.83 33.65 6.47
CA ARG C 27 2.73 32.58 6.89
C ARG C 27 2.09 31.21 6.71
N ILE C 28 0.79 31.10 6.98
CA ILE C 28 0.06 29.84 6.84
C ILE C 28 -1.09 30.03 5.87
N VAL C 29 -1.14 29.19 4.84
CA VAL C 29 -2.14 29.28 3.79
C VAL C 29 -2.78 27.91 3.69
N GLY C 30 -4.12 27.87 3.61
CA GLY C 30 -4.86 26.62 3.51
C GLY C 30 -5.44 26.42 2.12
N LEU C 31 -5.38 25.18 1.65
CA LEU C 31 -5.89 24.80 0.34
C LEU C 31 -7.07 23.88 0.59
N ILE C 32 -8.25 24.26 0.09
CA ILE C 32 -9.49 23.55 0.40
C ILE C 32 -10.18 23.18 -0.89
N GLY C 33 -10.68 21.95 -0.99
CA GLY C 33 -11.37 21.53 -2.19
C GLY C 33 -12.06 20.20 -1.99
N LYS C 34 -12.66 19.72 -3.08
CA LYS C 34 -13.39 18.47 -3.07
C LYS C 34 -12.41 17.30 -3.34
N ASN C 35 -12.96 16.12 -3.58
CA ASN C 35 -12.19 14.92 -3.88
C ASN C 35 -11.91 14.77 -5.38
N GLY C 36 -10.67 14.51 -5.73
CA GLY C 36 -10.25 14.39 -7.11
C GLY C 36 -10.30 15.67 -7.93
N VAL C 37 -9.99 16.84 -7.36
CA VAL C 37 -10.05 18.07 -8.14
C VAL C 37 -8.64 18.48 -8.59
N GLY C 38 -7.60 17.91 -7.98
CA GLY C 38 -6.23 18.23 -8.36
C GLY C 38 -5.43 18.91 -7.27
N LYS C 39 -5.72 18.62 -6.00
CA LYS C 39 -4.97 19.25 -4.91
C LYS C 39 -3.57 18.65 -4.79
N THR C 40 -3.46 17.33 -4.93
CA THR C 40 -2.16 16.70 -4.80
C THR C 40 -1.34 17.01 -6.04
N THR C 41 -2.04 17.19 -7.17
CA THR C 41 -1.37 17.57 -8.40
C THR C 41 -0.73 18.95 -8.23
N VAL C 42 -1.45 19.86 -7.55
CA VAL C 42 -0.91 21.20 -7.26
C VAL C 42 0.33 21.12 -6.37
N MET C 43 0.25 20.30 -5.31
CA MET C 43 1.42 20.16 -4.42
C MET C 43 2.61 19.54 -5.13
N LYS C 44 2.37 18.55 -5.99
CA LYS C 44 3.45 17.93 -6.75
C LYS C 44 4.06 18.92 -7.76
N VAL C 45 3.22 19.80 -8.33
CA VAL C 45 3.72 20.83 -9.23
C VAL C 45 4.62 21.80 -8.47
N MET C 46 4.22 22.19 -7.25
CA MET C 46 5.05 23.13 -6.51
C MET C 46 6.35 22.47 -6.07
N ASN C 47 6.26 21.25 -5.55
CA ASN C 47 7.42 20.59 -4.97
C ASN C 47 8.45 20.16 -6.00
N GLY C 48 8.02 19.69 -7.16
CA GLY C 48 8.97 19.36 -8.20
C GLY C 48 8.87 17.95 -8.71
N ASN C 49 7.85 17.19 -8.30
CA ASN C 49 7.72 15.80 -8.71
C ASN C 49 7.24 15.64 -10.13
N ILE C 50 6.79 16.71 -10.77
CA ILE C 50 6.23 16.64 -12.12
C ILE C 50 7.06 17.61 -12.95
N ILE C 51 7.53 17.15 -14.09
CA ILE C 51 8.40 17.94 -14.96
C ILE C 51 7.69 18.37 -16.24
N LYS C 52 6.61 17.67 -16.63
CA LYS C 52 5.98 17.90 -17.92
C LYS C 52 4.71 18.75 -17.77
N PHE C 53 4.76 19.73 -16.89
CA PHE C 53 3.59 20.52 -16.54
C PHE C 53 3.38 21.71 -17.48
N ASP C 54 4.35 21.98 -18.37
CA ASP C 54 4.30 23.00 -19.41
C ASP C 54 4.04 24.39 -18.85
N GLY C 55 4.97 24.88 -18.03
CA GLY C 55 4.80 26.21 -17.47
C GLY C 55 6.08 26.68 -16.82
N LYS C 56 5.94 27.57 -15.85
CA LYS C 56 7.08 28.10 -15.12
C LYS C 56 6.76 28.19 -13.63
N VAL C 57 7.63 27.58 -12.82
CA VAL C 57 7.56 27.58 -11.36
C VAL C 57 8.80 28.31 -10.88
N ASP C 58 8.59 29.40 -10.14
CA ASP C 58 9.71 30.24 -9.71
C ASP C 58 10.06 29.92 -8.27
N ILE C 59 11.16 29.17 -8.12
CA ILE C 59 11.71 28.72 -6.84
C ILE C 59 13.20 29.01 -6.91
N ASP C 60 13.85 29.12 -5.75
CA ASP C 60 15.27 29.43 -5.75
C ASP C 60 16.03 28.17 -5.37
N ASN C 61 17.25 28.04 -5.91
CA ASN C 61 18.06 26.85 -5.67
C ASN C 61 18.67 26.80 -4.27
N ALA C 62 18.93 27.95 -3.66
CA ALA C 62 19.53 27.97 -2.33
C ALA C 62 18.52 27.60 -1.26
N ASP C 63 17.25 27.50 -1.62
CA ASP C 63 16.17 27.19 -0.71
C ASP C 63 15.72 25.74 -0.80
N ASN C 64 15.72 25.06 0.33
CA ASN C 64 15.31 23.66 0.42
C ASN C 64 13.81 23.53 0.66
N ILE C 65 13.26 22.39 0.26
CA ILE C 65 11.84 22.08 0.41
C ILE C 65 11.69 20.77 1.17
N GLY C 66 10.98 20.82 2.30
CA GLY C 66 10.59 19.63 3.03
C GLY C 66 9.09 19.45 2.92
N PHE C 67 8.66 18.24 2.57
CA PHE C 67 7.27 18.04 2.18
C PHE C 67 6.68 16.76 2.75
N LEU C 68 5.35 16.76 2.75
CA LEU C 68 4.46 15.64 3.06
C LEU C 68 3.39 15.54 1.98
N ILE C 69 3.26 14.35 1.38
CA ILE C 69 2.34 14.13 0.28
C ILE C 69 1.37 13.08 0.86
N GLU C 70 0.44 12.54 0.06
CA GLU C 70 -0.60 11.54 0.33
C GLU C 70 -0.39 10.58 1.50
N HIS C 71 0.78 9.96 1.67
CA HIS C 71 0.90 9.04 2.79
C HIS C 71 2.34 9.14 3.24
N PRO C 72 2.65 8.91 4.53
CA PRO C 72 4.04 8.98 4.94
C PRO C 72 4.88 7.89 4.29
N LYS C 73 6.11 8.25 3.96
CA LYS C 73 7.10 7.32 3.45
C LYS C 73 8.24 7.28 4.45
N LEU C 74 8.48 6.09 5.02
CA LEU C 74 9.45 5.93 6.09
C LEU C 74 10.03 4.54 5.96
N TYR C 75 11.15 4.32 6.65
CA TYR C 75 11.77 3.00 6.70
C TYR C 75 11.12 2.23 7.84
N ASP C 76 10.24 1.29 7.49
CA ASP C 76 9.50 0.55 8.51
C ASP C 76 10.42 -0.36 9.31
N ASN C 77 11.44 -0.91 8.67
CA ASN C 77 12.38 -1.85 9.27
C ASN C 77 13.22 -1.17 10.36
N LYS C 78 13.65 0.06 10.13
CA LYS C 78 14.59 0.75 11.01
C LYS C 78 13.86 1.51 12.10
N SER C 79 14.62 2.31 12.86
CA SER C 79 14.06 3.01 14.01
C SER C 79 13.68 4.44 13.66
N GLY C 80 12.95 5.06 14.59
CA GLY C 80 12.56 6.46 14.43
C GLY C 80 13.72 7.43 14.45
N LEU C 81 14.63 7.26 15.41
CA LEU C 81 15.82 8.11 15.46
C LEU C 81 16.70 7.93 14.23
N TYR C 82 16.80 6.69 13.73
CA TYR C 82 17.53 6.43 12.49
C TYR C 82 16.89 7.16 11.32
N ASN C 83 15.55 7.13 11.23
CA ASN C 83 14.86 7.85 10.16
C ASN C 83 15.09 9.36 10.25
N LEU C 84 14.97 9.92 11.46
CA LEU C 84 15.17 11.36 11.65
C LEU C 84 16.58 11.77 11.30
N LYS C 85 17.58 11.03 11.78
CA LYS C 85 18.98 11.33 11.49
C LYS C 85 19.28 11.20 10.01
N LEU C 86 18.80 10.12 9.37
CA LEU C 86 19.07 9.91 7.95
C LEU C 86 18.48 11.01 7.09
N PHE C 87 17.23 11.40 7.36
CA PHE C 87 16.63 12.43 6.54
C PHE C 87 17.13 13.82 6.90
N ALA C 88 17.73 13.98 8.09
CA ALA C 88 18.38 15.23 8.45
C ALA C 88 19.71 15.36 7.74
N GLN C 89 20.42 14.26 7.54
CA GLN C 89 21.70 14.35 6.83
C GLN C 89 21.45 14.46 5.33
N VAL C 90 20.58 13.61 4.79
CA VAL C 90 20.38 13.51 3.34
C VAL C 90 19.65 14.75 2.82
N LEU C 91 18.65 15.27 3.53
CA LEU C 91 17.92 16.41 2.98
C LEU C 91 18.34 17.75 3.57
N GLY C 92 18.63 17.81 4.86
CA GLY C 92 19.02 19.05 5.51
C GLY C 92 20.50 19.34 5.48
N LYS C 93 20.86 20.40 6.20
CA LYS C 93 22.25 20.81 6.34
C LYS C 93 23.02 19.91 7.31
N GLY C 94 22.32 19.22 8.20
CA GLY C 94 22.99 18.36 9.16
C GLY C 94 22.00 17.83 10.18
N PHE C 95 22.56 17.34 11.29
CA PHE C 95 21.76 16.84 12.40
C PHE C 95 22.04 17.72 13.61
N ASP C 96 20.98 18.29 14.19
CA ASP C 96 21.09 19.12 15.40
C ASP C 96 20.45 18.37 16.55
N LYS C 97 21.24 18.11 17.60
CA LYS C 97 20.76 17.28 18.71
C LYS C 97 19.75 18.04 19.55
N ALA C 98 20.04 19.30 19.90
CA ALA C 98 19.14 20.09 20.74
C ALA C 98 17.83 20.35 20.03
N TYR C 99 17.92 20.68 18.74
CA TYR C 99 16.76 20.96 17.90
C TYR C 99 15.87 19.71 17.78
N THR C 100 16.51 18.55 17.53
CA THR C 100 15.76 17.30 17.42
C THR C 100 15.12 16.93 18.76
N ASP C 101 15.84 17.14 19.86
CA ASP C 101 15.32 16.87 21.20
C ASP C 101 14.11 17.76 21.49
N LYS C 102 14.19 19.04 21.11
CA LYS C 102 13.09 19.96 21.28
C LYS C 102 11.87 19.51 20.48
N ILE C 103 12.10 19.04 19.24
CA ILE C 103 11.01 18.57 18.40
C ILE C 103 10.33 17.35 19.03
N ILE C 104 11.15 16.40 19.52
CA ILE C 104 10.64 15.18 20.14
C ILE C 104 9.86 15.49 21.42
N ASP C 105 10.41 16.37 22.26
CA ASP C 105 9.76 16.74 23.52
C ASP C 105 8.47 17.50 23.29
N ALA C 106 8.43 18.41 22.31
CA ALA C 106 7.21 19.15 22.06
C ALA C 106 6.14 18.24 21.50
N PHE C 107 6.51 17.35 20.57
CA PHE C 107 5.52 16.47 19.97
C PHE C 107 5.06 15.38 20.93
N GLY C 108 5.88 15.01 21.91
CA GLY C 108 5.49 13.93 22.79
C GLY C 108 5.86 12.56 22.28
N MET C 109 6.97 12.43 21.54
CA MET C 109 7.32 11.14 20.96
C MET C 109 8.35 10.35 21.74
N ARG C 110 8.75 10.83 22.94
CA ARG C 110 9.83 10.17 23.68
C ARG C 110 9.51 8.72 24.07
N PRO C 111 8.30 8.35 24.58
CA PRO C 111 8.03 6.95 24.93
C PRO C 111 8.25 6.01 23.77
N TYR C 112 7.97 6.46 22.54
CA TYR C 112 8.03 5.55 21.42
C TYR C 112 9.09 6.03 20.44
N ILE C 113 10.13 6.74 20.94
CA ILE C 113 11.11 7.24 19.98
C ILE C 113 12.13 6.16 19.64
N LYS C 114 12.24 5.12 20.48
CA LYS C 114 13.19 4.04 20.26
C LYS C 114 12.54 2.77 19.73
N LYS C 115 11.26 2.81 19.39
CA LYS C 115 10.57 1.62 18.91
C LYS C 115 10.48 1.63 17.39
N LYS C 116 10.46 0.43 16.81
CA LYS C 116 10.48 0.23 15.36
C LYS C 116 9.25 0.86 14.71
N VAL C 117 9.45 1.39 13.49
CA VAL C 117 8.40 2.14 12.80
C VAL C 117 7.27 1.20 12.42
N LYS C 118 7.58 -0.07 12.16
CA LYS C 118 6.58 -1.06 11.80
C LYS C 118 5.64 -1.36 12.97
N LYS C 119 6.03 -0.97 14.19
CA LYS C 119 5.19 -1.17 15.36
C LYS C 119 4.35 0.05 15.69
N TYR C 120 4.46 1.11 14.88
CA TYR C 120 3.73 2.33 15.14
C TYR C 120 2.28 2.19 14.70
N SER C 121 1.45 3.15 15.10
CA SER C 121 0.12 3.24 14.54
C SER C 121 0.07 4.35 13.49
N MET C 122 -1.16 4.62 13.00
CA MET C 122 -1.33 5.59 11.93
C MET C 122 -1.03 7.01 12.41
N GLY C 123 -1.54 7.36 13.59
CA GLY C 123 -1.28 8.68 14.13
C GLY C 123 0.18 8.89 14.48
N MET C 124 0.82 7.85 15.03
CA MET C 124 2.24 7.90 15.33
C MET C 124 3.07 8.10 14.07
N LYS C 125 2.74 7.35 13.00
CA LYS C 125 3.46 7.51 11.73
C LYS C 125 3.23 8.89 11.14
N GLN C 126 2.00 9.42 11.25
CA GLN C 126 1.72 10.76 10.75
C GLN C 126 2.48 11.83 11.53
N LYS C 127 2.54 11.68 12.85
CA LYS C 127 3.30 12.61 13.69
C LYS C 127 4.79 12.55 13.34
N LEU C 128 5.32 11.34 13.13
CA LEU C 128 6.72 11.17 12.75
C LEU C 128 6.96 11.82 11.40
N ALA C 129 6.00 11.71 10.50
CA ALA C 129 6.09 12.32 9.19
C ALA C 129 6.09 13.84 9.31
N ILE C 130 5.33 14.38 10.26
CA ILE C 130 5.32 15.83 10.46
C ILE C 130 6.67 16.29 11.00
N ALA C 131 7.24 15.49 11.92
CA ALA C 131 8.55 15.84 12.45
C ALA C 131 9.67 15.70 11.43
N VAL C 132 9.62 14.67 10.58
CA VAL C 132 10.64 14.50 9.55
C VAL C 132 10.57 15.65 8.55
N SER C 133 9.35 16.10 8.24
CA SER C 133 9.19 17.23 7.31
C SER C 133 9.78 18.50 7.90
N LEU C 134 9.55 18.74 9.20
CA LEU C 134 10.12 19.93 9.82
C LEU C 134 11.62 19.77 10.09
N MET C 135 12.14 18.54 10.09
CA MET C 135 13.56 18.20 10.28
C MET C 135 14.48 18.87 9.27
N ASN C 136 13.99 19.19 8.08
CA ASN C 136 14.76 19.75 6.98
C ASN C 136 15.13 21.21 7.20
N LYS C 137 14.53 21.83 8.22
CA LYS C 137 14.58 23.27 8.46
C LYS C 137 14.19 24.11 7.25
N PRO C 138 13.00 23.92 6.69
CA PRO C 138 12.65 24.51 5.41
C PRO C 138 12.32 25.98 5.57
N LYS C 139 12.30 26.67 4.44
CA LYS C 139 11.73 28.01 4.40
C LYS C 139 10.27 27.93 3.98
N PHE C 140 9.93 26.90 3.20
CA PHE C 140 8.56 26.62 2.83
C PHE C 140 8.26 25.18 3.22
N LEU C 141 7.18 24.98 3.96
CA LEU C 141 6.81 23.65 4.47
C LEU C 141 5.39 23.41 3.95
N ILE C 142 5.22 22.37 3.13
CA ILE C 142 3.94 22.03 2.47
C ILE C 142 3.42 20.65 2.92
N LEU C 143 2.12 20.61 3.30
CA LEU C 143 1.44 19.44 3.87
C LEU C 143 0.17 19.03 3.14
N ASP C 144 0.07 17.72 2.88
CA ASP C 144 -1.06 17.08 2.23
C ASP C 144 -1.88 16.34 3.29
N GLU C 145 -2.93 16.99 3.80
CA GLU C 145 -3.81 16.44 4.83
C GLU C 145 -3.02 15.96 6.07
N PRO C 146 -2.49 16.90 6.87
CA PRO C 146 -1.61 16.55 8.00
C PRO C 146 -2.23 15.83 9.19
N THR C 147 -3.56 15.81 9.36
CA THR C 147 -4.19 15.31 10.57
C THR C 147 -5.02 14.02 10.34
N ASN C 148 -4.44 13.04 9.63
CA ASN C 148 -5.21 11.85 9.27
C ASN C 148 -5.59 11.02 10.50
N GLY C 149 -4.63 10.68 11.37
CA GLY C 149 -4.97 9.79 12.47
C GLY C 149 -4.77 10.28 13.89
N MET C 150 -5.05 11.53 14.20
CA MET C 150 -4.77 12.03 15.54
C MET C 150 -6.02 12.49 16.27
N ASP C 151 -6.00 12.28 17.58
CA ASP C 151 -7.08 12.66 18.49
C ASP C 151 -7.12 14.19 18.60
N PRO C 152 -8.26 14.77 19.05
CA PRO C 152 -8.38 16.25 19.10
C PRO C 152 -7.28 16.96 19.87
N ASP C 153 -6.88 16.41 21.03
CA ASP C 153 -5.82 17.00 21.84
C ASP C 153 -4.49 16.98 21.09
N GLY C 154 -4.19 15.86 20.43
CA GLY C 154 -2.94 15.73 19.68
C GLY C 154 -2.88 16.70 18.52
N SER C 155 -4.01 16.85 17.80
CA SER C 155 -4.08 17.81 16.70
C SER C 155 -3.89 19.23 17.21
N ILE C 156 -4.50 19.55 18.36
CA ILE C 156 -4.35 20.87 18.96
C ILE C 156 -2.89 21.13 19.32
N ASP C 157 -2.23 20.12 19.92
CA ASP C 157 -0.84 20.25 20.33
C ASP C 157 0.08 20.45 19.13
N VAL C 158 -0.12 19.67 18.06
CA VAL C 158 0.71 19.79 16.85
C VAL C 158 0.50 21.16 16.21
N LEU C 159 -0.75 21.64 16.11
CA LEU C 159 -1.03 22.94 15.52
C LEU C 159 -0.38 24.07 16.34
N THR C 160 -0.44 23.97 17.66
CA THR C 160 0.18 24.99 18.50
C THR C 160 1.70 24.99 18.30
N THR C 161 2.30 23.79 18.26
CA THR C 161 3.75 23.69 18.05
C THR C 161 4.18 24.24 16.68
N ILE C 162 3.43 23.93 15.61
CA ILE C 162 3.78 24.43 14.28
C ILE C 162 3.69 25.96 14.27
N LYS C 163 2.68 26.53 14.97
CA LYS C 163 2.60 28.00 15.08
C LYS C 163 3.81 28.55 15.83
N SER C 164 4.27 27.85 16.88
CA SER C 164 5.41 28.39 17.61
C SER C 164 6.69 28.29 16.78
N LEU C 165 6.71 27.34 15.84
CA LEU C 165 7.89 27.19 14.99
C LEU C 165 7.87 28.24 13.90
N VAL C 166 6.67 28.53 13.36
CA VAL C 166 6.60 29.44 12.21
C VAL C 166 6.75 30.86 12.72
N ASN C 167 6.74 31.04 14.04
CA ASN C 167 6.93 32.40 14.52
C ASN C 167 8.36 32.58 15.05
N GLU C 168 8.96 31.55 15.66
CA GLU C 168 10.35 31.68 16.09
C GLU C 168 11.31 31.76 14.90
N LEU C 169 11.09 30.92 13.88
CA LEU C 169 11.80 30.98 12.60
C LEU C 169 10.88 31.35 11.45
N ASP C 170 11.45 32.10 10.50
CA ASP C 170 10.78 32.51 9.26
C ASP C 170 10.49 31.40 8.24
N MET C 171 9.25 30.93 8.31
CA MET C 171 8.64 29.79 7.62
C MET C 171 7.37 30.27 6.92
N ARG C 172 7.04 29.60 5.82
CA ARG C 172 5.80 29.87 5.12
C ARG C 172 5.19 28.49 4.88
N ILE C 173 3.92 28.35 5.27
CA ILE C 173 3.29 27.06 5.44
C ILE C 173 2.16 26.94 4.43
N LEU C 174 2.06 25.78 3.78
CA LEU C 174 0.87 25.45 3.00
C LEU C 174 0.27 24.16 3.54
N ILE C 175 -1.02 24.17 3.87
CA ILE C 175 -1.71 23.01 4.42
C ILE C 175 -2.93 22.75 3.55
N SER C 176 -3.03 21.57 2.94
CA SER C 176 -4.23 21.23 2.19
C SER C 176 -4.94 20.09 2.91
N SER C 177 -6.13 20.38 3.43
CA SER C 177 -6.86 19.38 4.21
C SER C 177 -8.32 19.78 4.34
N HIS C 178 -9.17 18.79 4.57
CA HIS C 178 -10.52 18.97 5.07
C HIS C 178 -10.46 19.21 6.58
N LYS C 179 -11.61 19.07 7.26
CA LYS C 179 -11.85 19.37 8.68
C LYS C 179 -11.52 20.83 9.01
N LEU C 180 -12.36 21.67 8.39
CA LEU C 180 -12.16 23.11 8.35
C LEU C 180 -12.15 23.77 9.73
N GLU C 181 -12.76 23.15 10.76
CA GLU C 181 -12.69 23.80 12.07
C GLU C 181 -11.27 23.76 12.61
N ASP C 182 -10.50 22.76 12.20
CA ASP C 182 -9.09 22.65 12.52
C ASP C 182 -8.30 23.59 11.63
N ILE C 183 -8.82 23.81 10.41
CA ILE C 183 -8.15 24.70 9.46
C ILE C 183 -8.20 26.16 9.90
N GLU C 184 -9.36 26.63 10.39
CA GLU C 184 -9.51 28.02 10.81
C GLU C 184 -8.62 28.40 12.00
N LEU C 185 -8.16 27.39 12.76
CA LEU C 185 -7.26 27.58 13.90
C LEU C 185 -5.93 28.18 13.46
N ILE C 186 -5.32 27.60 12.44
CA ILE C 186 -4.05 28.09 11.90
C ILE C 186 -4.13 28.21 10.38
N CYS C 187 -4.33 29.45 9.92
CA CYS C 187 -4.36 29.88 8.53
C CYS C 187 -4.43 31.40 8.49
N ASP C 188 -3.76 31.99 7.50
CA ASP C 188 -3.84 33.43 7.29
C ASP C 188 -4.75 33.78 6.11
N ARG C 189 -4.87 32.90 5.12
CA ARG C 189 -5.62 33.14 3.90
C ARG C 189 -6.03 31.78 3.33
N ALA C 190 -7.22 31.74 2.75
CA ALA C 190 -7.72 30.52 2.16
C ALA C 190 -8.06 30.79 0.70
N VAL C 191 -7.75 29.82 -0.15
CA VAL C 191 -8.01 29.88 -1.58
C VAL C 191 -8.92 28.70 -1.92
N PHE C 192 -9.87 28.92 -2.81
CA PHE C 192 -10.85 27.88 -3.13
C PHE C 192 -10.68 27.37 -4.56
N LEU C 193 -10.62 26.06 -4.70
CA LEU C 193 -10.35 25.40 -5.97
C LEU C 193 -11.53 24.62 -6.55
N ARG C 194 -11.86 24.95 -7.79
CA ARG C 194 -12.91 24.28 -8.55
C ARG C 194 -12.46 24.36 -10.00
N ASP C 195 -12.41 23.19 -10.65
CA ASP C 195 -12.12 23.05 -12.08
C ASP C 195 -10.77 23.67 -12.46
N GLY C 196 -9.79 23.57 -11.57
CA GLY C 196 -8.49 24.09 -11.92
C GLY C 196 -8.28 25.58 -11.78
N HIS C 197 -9.21 26.33 -11.19
CA HIS C 197 -8.99 27.76 -11.05
C HIS C 197 -9.23 28.15 -9.59
N PHE C 198 -8.58 29.25 -9.17
CA PHE C 198 -8.83 29.83 -7.85
C PHE C 198 -10.00 30.80 -7.91
N VAL C 199 -11.19 30.31 -7.57
CA VAL C 199 -12.41 31.10 -7.68
C VAL C 199 -12.45 32.21 -6.63
N GLN C 200 -12.12 31.91 -5.38
CA GLN C 200 -12.24 32.84 -4.27
C GLN C 200 -10.96 32.85 -3.45
N ASP C 201 -10.69 34.00 -2.83
CA ASP C 201 -9.54 34.22 -1.97
C ASP C 201 -10.01 34.95 -0.71
N VAL C 202 -10.33 34.20 0.33
CA VAL C 202 -10.85 34.74 1.58
C VAL C 202 -9.68 34.98 2.52
N ASN C 203 -9.54 36.19 3.04
CA ASN C 203 -8.45 36.46 3.96
C ASN C 203 -8.96 36.74 5.37
N MET C 204 -8.41 36.01 6.35
CA MET C 204 -8.77 36.13 7.76
C MET C 204 -7.50 36.39 8.54
N GLU C 205 -7.45 37.51 9.26
CA GLU C 205 -6.27 37.89 10.02
C GLU C 205 -6.53 38.02 11.50
N GLU C 206 -7.59 38.74 11.89
CA GLU C 206 -7.93 38.98 13.27
C GLU C 206 -9.22 38.24 13.58
N GLY C 207 -9.56 38.21 14.87
CA GLY C 207 -10.73 37.47 15.32
C GLY C 207 -12.05 38.22 15.39
N VAL C 208 -12.25 39.26 14.56
CA VAL C 208 -13.55 39.95 14.54
C VAL C 208 -14.66 39.00 14.08
N ALA C 209 -14.40 38.19 13.03
CA ALA C 209 -15.17 37.03 12.59
C ALA C 209 -16.56 37.22 12.01
N SER C 210 -17.13 38.45 12.01
CA SER C 210 -18.43 38.74 11.38
C SER C 210 -19.57 37.80 11.78
N ASP C 211 -20.00 37.92 13.05
CA ASP C 211 -21.06 37.09 13.64
C ASP C 211 -22.34 37.09 12.82
N THR C 212 -22.97 35.91 12.74
CA THR C 212 -24.13 35.73 11.89
C THR C 212 -25.23 34.87 12.52
N THR C 213 -26.45 34.95 11.95
CA THR C 213 -27.65 34.26 12.41
C THR C 213 -28.20 33.22 11.42
N ILE C 214 -28.51 32.01 11.93
CA ILE C 214 -28.96 30.85 11.14
C ILE C 214 -30.44 30.55 11.39
N VAL C 215 -31.20 30.47 10.30
CA VAL C 215 -32.60 30.09 10.32
C VAL C 215 -32.76 28.82 9.48
N THR C 216 -33.37 27.79 10.04
CA THR C 216 -33.51 26.52 9.35
C THR C 216 -35.01 26.33 9.13
N VAL C 217 -35.40 25.94 7.91
CA VAL C 217 -36.79 25.71 7.50
C VAL C 217 -36.68 24.85 6.24
N ASP C 218 -37.77 24.12 5.92
CA ASP C 218 -37.81 23.18 4.81
C ASP C 218 -37.79 23.93 3.49
N HIS C 219 -37.40 23.22 2.43
CA HIS C 219 -37.09 23.82 1.12
C HIS C 219 -38.26 24.57 0.47
N LYS C 220 -39.45 23.99 0.46
CA LYS C 220 -40.66 24.60 -0.12
C LYS C 220 -41.05 25.95 0.49
N ASP C 221 -40.67 26.20 1.73
CA ASP C 221 -40.77 27.47 2.46
C ASP C 221 -39.48 28.29 2.48
N PHE C 222 -38.35 27.65 2.20
CA PHE C 222 -37.03 28.29 2.23
C PHE C 222 -36.94 29.39 1.18
N ASP C 223 -37.61 29.22 0.03
CA ASP C 223 -37.66 30.25 -1.00
C ASP C 223 -38.26 31.55 -0.45
N ARG C 224 -39.41 31.45 0.23
CA ARG C 224 -40.05 32.62 0.80
C ARG C 224 -39.18 33.24 1.90
N THR C 225 -38.58 32.42 2.76
CA THR C 225 -37.75 33.01 3.82
C THR C 225 -36.51 33.73 3.25
N GLU C 226 -35.85 33.16 2.23
CA GLU C 226 -34.70 33.84 1.61
C GLU C 226 -35.13 35.15 0.93
N LYS C 227 -36.26 35.12 0.17
CA LYS C 227 -36.74 36.34 -0.49
C LYS C 227 -37.05 37.41 0.55
N TYR C 228 -37.72 37.05 1.67
CA TYR C 228 -38.07 38.04 2.69
C TYR C 228 -36.83 38.65 3.32
N LEU C 229 -35.83 37.83 3.64
CA LEU C 229 -34.69 38.44 4.31
C LEU C 229 -33.84 39.24 3.34
N ALA C 230 -33.80 38.87 2.06
CA ALA C 230 -33.14 39.75 1.11
C ALA C 230 -33.89 41.07 0.85
N GLU C 231 -35.23 41.04 0.76
CA GLU C 231 -36.01 42.29 0.64
C GLU C 231 -35.96 43.21 1.87
N HIS C 232 -35.82 42.69 3.10
CA HIS C 232 -35.70 43.58 4.27
C HIS C 232 -34.27 43.88 4.68
N PHE C 233 -33.46 42.88 5.00
CA PHE C 233 -32.14 43.06 5.60
C PHE C 233 -31.14 42.61 4.55
N GLN C 234 -29.85 42.62 4.86
CA GLN C 234 -28.89 42.16 3.87
C GLN C 234 -28.45 40.76 4.27
N LEU C 235 -28.52 39.84 3.31
CA LEU C 235 -28.27 38.44 3.58
C LEU C 235 -26.93 38.00 3.01
N GLN C 236 -26.18 37.20 3.76
CA GLN C 236 -24.91 36.77 3.21
C GLN C 236 -24.95 35.40 2.56
N ASN C 237 -25.28 34.31 3.27
CA ASN C 237 -25.22 33.07 2.48
C ASN C 237 -26.40 32.13 2.76
N VAL C 238 -26.63 31.22 1.79
CA VAL C 238 -27.71 30.24 1.81
C VAL C 238 -27.22 28.87 1.37
N ASP C 239 -27.77 27.84 2.03
CA ASP C 239 -27.56 26.43 1.71
C ASP C 239 -28.97 25.88 1.50
N LYS C 240 -29.24 25.46 0.25
CA LYS C 240 -30.58 25.03 -0.13
C LYS C 240 -30.96 23.65 0.40
N ALA C 241 -30.03 22.69 0.34
CA ALA C 241 -30.35 21.30 0.69
C ALA C 241 -30.73 21.12 2.14
N ASP C 242 -30.01 21.76 3.05
CA ASP C 242 -30.27 21.66 4.48
C ASP C 242 -31.25 22.73 4.95
N GLY C 243 -31.66 23.63 4.05
CA GLY C 243 -32.52 24.75 4.41
C GLY C 243 -31.89 25.71 5.37
N HIS C 244 -30.59 25.97 5.22
CA HIS C 244 -29.85 26.84 6.11
C HIS C 244 -29.76 28.24 5.51
N LEU C 245 -30.28 29.23 6.24
CA LEU C 245 -30.27 30.60 5.75
C LEU C 245 -29.49 31.43 6.76
N MET C 246 -28.48 32.16 6.30
CA MET C 246 -27.54 32.79 7.22
C MET C 246 -27.62 34.29 6.93
N ILE C 247 -28.48 34.99 7.68
CA ILE C 247 -28.58 36.45 7.75
C ILE C 247 -27.53 36.98 8.76
N ASN C 248 -27.33 38.30 8.80
CA ASN C 248 -26.40 38.91 9.75
C ASN C 248 -26.85 38.74 11.20
N ALA C 249 -25.97 39.11 12.13
CA ALA C 249 -26.23 38.94 13.56
C ALA C 249 -27.37 39.84 14.04
N GLN C 250 -28.40 39.24 14.63
CA GLN C 250 -29.53 39.98 15.19
C GLN C 250 -29.66 39.70 16.68
N LYS C 251 -29.63 40.77 17.49
CA LYS C 251 -29.70 40.59 18.94
C LYS C 251 -31.12 40.22 19.32
N ASN C 252 -32.10 40.86 18.69
CA ASN C 252 -33.51 40.69 19.01
C ASN C 252 -34.16 39.95 17.85
N TYR C 253 -34.83 38.85 18.19
CA TYR C 253 -35.53 37.93 17.31
C TYR C 253 -36.99 38.31 17.08
N GLN C 254 -37.45 39.38 17.73
CA GLN C 254 -38.84 39.78 17.72
C GLN C 254 -39.38 40.15 16.33
N VAL C 255 -38.65 40.98 15.59
CA VAL C 255 -39.14 41.42 14.28
C VAL C 255 -39.15 40.29 13.25
N ILE C 256 -38.18 39.36 13.35
CA ILE C 256 -38.15 38.22 12.44
C ILE C 256 -39.30 37.27 12.73
N LEU C 257 -39.49 36.94 14.00
CA LEU C 257 -40.55 35.99 14.36
C LEU C 257 -41.93 36.58 14.12
N LYS C 258 -42.13 37.88 14.39
CA LYS C 258 -43.42 38.50 14.14
C LYS C 258 -43.77 38.47 12.66
N ALA C 259 -42.81 38.82 11.79
CA ALA C 259 -43.06 38.79 10.34
C ALA C 259 -43.31 37.37 9.87
N LEU C 260 -42.58 36.40 10.41
CA LEU C 260 -42.78 35.00 10.03
C LEU C 260 -44.14 34.51 10.54
N SER C 261 -44.67 35.15 11.60
CA SER C 261 -46.00 34.79 12.07
C SER C 261 -47.08 35.31 11.12
N GLU C 262 -46.99 36.57 10.64
CA GLU C 262 -48.03 36.93 9.65
C GLU C 262 -47.79 36.21 8.33
N LEU C 263 -46.58 35.69 8.09
CA LEU C 263 -46.31 34.83 6.95
C LEU C 263 -46.71 33.37 7.18
N ASP C 264 -46.96 33.00 8.45
CA ASP C 264 -47.48 31.68 8.86
C ASP C 264 -46.45 30.56 8.78
N ILE C 265 -45.21 30.84 8.38
CA ILE C 265 -44.15 29.83 8.40
C ILE C 265 -43.29 30.07 9.63
N TYR C 266 -42.66 29.00 10.13
CA TYR C 266 -41.98 29.00 11.42
C TYR C 266 -40.70 28.18 11.27
N PRO C 267 -39.64 28.50 12.02
CA PRO C 267 -38.38 27.74 11.85
C PRO C 267 -38.28 26.57 12.80
N LYS C 268 -37.55 25.53 12.37
CA LYS C 268 -37.27 24.40 13.26
C LYS C 268 -36.15 24.74 14.23
N TYR C 269 -35.14 25.48 13.78
CA TYR C 269 -33.96 25.80 14.59
C TYR C 269 -33.49 27.16 14.13
N ILE C 270 -33.26 28.03 15.11
CA ILE C 270 -32.74 29.37 14.84
C ILE C 270 -31.62 29.60 15.86
N GLU C 271 -30.49 30.10 15.40
CA GLU C 271 -29.35 30.28 16.30
C GLU C 271 -28.47 31.44 15.85
N THR C 272 -27.58 31.90 16.72
CA THR C 272 -26.57 32.89 16.38
C THR C 272 -25.20 32.29 16.69
N ARG C 273 -24.26 32.42 15.74
CA ARG C 273 -22.95 31.78 15.87
C ARG C 273 -21.89 32.54 15.08
N LYS C 274 -20.63 32.28 15.44
CA LYS C 274 -19.44 32.83 14.82
C LYS C 274 -19.32 32.29 13.40
N SER C 275 -19.01 33.17 12.44
CA SER C 275 -18.85 32.70 11.07
C SER C 275 -17.56 31.90 10.91
N SER C 276 -17.49 31.05 9.90
CA SER C 276 -16.27 30.27 9.75
C SER C 276 -15.91 30.04 8.29
N LEU C 277 -14.79 29.35 8.10
CA LEU C 277 -14.43 29.01 6.73
C LEU C 277 -15.23 27.81 6.27
N ARG C 278 -15.86 27.07 7.19
CA ARG C 278 -16.69 25.94 6.79
C ARG C 278 -17.91 26.47 6.05
N ASP C 279 -18.45 27.57 6.59
CA ASP C 279 -19.57 28.30 6.01
C ASP C 279 -19.21 28.88 4.66
N THR C 280 -18.03 29.50 4.58
CA THR C 280 -17.54 30.05 3.32
C THR C 280 -17.35 28.96 2.26
N TYR C 281 -16.79 27.81 2.67
CA TYR C 281 -16.57 26.68 1.77
C TYR C 281 -17.89 26.18 1.22
N PHE C 282 -18.92 26.05 2.07
CA PHE C 282 -20.20 25.57 1.55
C PHE C 282 -20.79 26.60 0.60
N ASN C 283 -20.65 27.89 0.91
CA ASN C 283 -21.13 28.94 -0.01
C ASN C 283 -20.48 28.89 -1.38
N ILE C 284 -19.16 28.70 -1.43
CA ILE C 284 -18.55 28.68 -2.75
C ILE C 284 -18.91 27.40 -3.50
N ASN C 285 -18.87 26.25 -2.83
CA ASN C 285 -18.94 25.01 -3.58
C ASN C 285 -20.23 24.21 -3.43
N GLN C 286 -21.38 24.77 -3.01
CA GLN C 286 -22.48 23.81 -3.08
C GLN C 286 -23.10 23.82 -4.45
N ARG C 287 -22.74 24.81 -5.29
CA ARG C 287 -23.33 24.86 -6.63
C ARG C 287 -22.88 23.67 -7.45
N GLY C 288 -21.60 23.31 -7.33
CA GLY C 288 -21.02 22.10 -7.86
C GLY C 288 -21.28 20.83 -7.08
N ASP C 289 -21.32 20.93 -5.74
CA ASP C 289 -21.55 19.74 -4.95
C ASP C 289 -22.96 19.19 -5.02
N LYS C 290 -23.95 20.05 -4.88
CA LYS C 290 -25.35 19.64 -4.90
C LYS C 290 -26.11 20.05 -6.15
N MET D 1 -23.87 -12.24 18.92
CA MET D 1 -22.60 -11.52 18.89
C MET D 1 -22.10 -11.11 20.28
N LYS D 2 -21.32 -11.97 20.92
CA LYS D 2 -20.81 -11.67 22.25
C LYS D 2 -19.31 -11.92 22.29
N LEU D 3 -18.63 -11.10 23.08
CA LEU D 3 -17.22 -11.24 23.42
C LEU D 3 -17.09 -11.42 24.93
N GLU D 4 -16.37 -12.44 25.38
CA GLU D 4 -16.22 -12.72 26.81
C GLU D 4 -14.78 -12.99 27.26
N HIS D 5 -14.28 -12.16 28.20
CA HIS D 5 -12.97 -12.35 28.87
C HIS D 5 -11.76 -12.46 27.94
N ILE D 6 -11.52 -11.41 27.16
CA ILE D 6 -10.43 -11.41 26.17
C ILE D 6 -9.17 -10.71 26.68
N THR D 7 -8.06 -11.44 26.59
CA THR D 7 -6.76 -10.91 26.94
C THR D 7 -5.79 -11.32 25.85
N LYS D 8 -5.09 -10.33 25.29
CA LYS D 8 -4.13 -10.54 24.22
C LYS D 8 -2.83 -9.80 24.55
N LYS D 9 -1.70 -10.48 24.39
CA LYS D 9 -0.43 -9.86 24.70
C LYS D 9 0.44 -9.99 23.47
N TYR D 10 1.20 -8.94 23.19
CA TYR D 10 2.20 -8.93 22.13
C TYR D 10 3.57 -8.78 22.78
N GLY D 11 4.24 -9.91 23.01
CA GLY D 11 5.50 -9.84 23.73
C GLY D 11 5.22 -9.48 25.17
N SER D 12 5.73 -8.31 25.56
CA SER D 12 5.47 -7.78 26.89
C SER D 12 4.42 -6.67 26.90
N ASN D 13 3.76 -6.39 25.77
CA ASN D 13 2.77 -5.32 25.74
C ASN D 13 1.38 -5.92 25.81
N VAL D 14 0.62 -5.57 26.86
CA VAL D 14 -0.70 -6.15 27.06
C VAL D 14 -1.75 -5.22 26.45
N VAL D 15 -2.42 -5.68 25.41
CA VAL D 15 -3.44 -4.86 24.74
C VAL D 15 -4.84 -5.07 25.33
N LEU D 16 -5.28 -6.33 25.50
CA LEU D 16 -6.62 -6.65 25.98
C LEU D 16 -6.59 -7.40 27.31
N ASN D 17 -7.53 -7.01 28.19
CA ASN D 17 -7.65 -7.53 29.55
C ASN D 17 -9.11 -7.79 29.94
N ASP D 18 -9.66 -8.98 29.65
CA ASP D 18 -11.01 -9.38 30.13
C ASP D 18 -12.12 -8.40 29.73
N ILE D 19 -12.40 -8.32 28.44
CA ILE D 19 -13.40 -7.37 27.93
C ILE D 19 -14.68 -8.12 27.56
N ASP D 20 -15.82 -7.54 27.91
CA ASP D 20 -17.11 -8.09 27.54
C ASP D 20 -17.76 -7.05 26.63
N PHE D 21 -18.54 -7.53 25.66
CA PHE D 21 -19.22 -6.63 24.75
C PHE D 21 -20.52 -7.30 24.29
N ASP D 22 -21.56 -6.51 24.07
CA ASP D 22 -22.84 -7.09 23.66
C ASP D 22 -23.71 -6.05 22.96
N PHE D 23 -24.34 -6.48 21.85
CA PHE D 23 -25.31 -5.69 21.10
C PHE D 23 -26.70 -5.85 21.74
N GLY D 24 -27.02 -4.99 22.69
CA GLY D 24 -28.31 -5.08 23.36
C GLY D 24 -29.28 -4.03 22.90
N ASP D 25 -30.25 -4.40 22.05
CA ASP D 25 -31.35 -3.59 21.49
C ASP D 25 -30.87 -2.31 20.80
N SER D 26 -29.66 -2.32 20.26
CA SER D 26 -29.07 -1.19 19.57
C SER D 26 -28.52 -1.62 18.21
N ARG D 27 -28.62 -0.71 17.24
CA ARG D 27 -28.22 -0.98 15.87
C ARG D 27 -26.89 -0.37 15.46
N ILE D 28 -26.60 0.88 15.84
CA ILE D 28 -25.35 1.52 15.46
C ILE D 28 -24.64 1.90 16.74
N VAL D 29 -23.40 1.45 16.90
CA VAL D 29 -22.62 1.72 18.11
C VAL D 29 -21.31 2.38 17.71
N GLY D 30 -20.80 3.23 18.58
CA GLY D 30 -19.57 3.93 18.32
C GLY D 30 -18.50 3.54 19.31
N LEU D 31 -17.27 3.43 18.80
CA LEU D 31 -16.10 3.06 19.59
C LEU D 31 -15.15 4.24 19.64
N ILE D 32 -14.85 4.71 20.84
CA ILE D 32 -14.03 5.91 21.02
C ILE D 32 -12.88 5.67 22.00
N GLY D 33 -11.70 6.15 21.62
CA GLY D 33 -10.52 6.03 22.45
C GLY D 33 -9.45 6.93 21.88
N LYS D 34 -8.25 6.80 22.44
CA LYS D 34 -7.13 7.62 21.97
C LYS D 34 -6.40 6.87 20.86
N ASN D 35 -5.22 7.38 20.47
CA ASN D 35 -4.40 6.74 19.45
C ASN D 35 -3.47 5.69 20.06
N GLY D 36 -3.52 4.50 19.48
CA GLY D 36 -2.75 3.34 19.94
C GLY D 36 -3.26 2.66 21.20
N VAL D 37 -4.54 2.79 21.54
CA VAL D 37 -5.00 2.13 22.76
C VAL D 37 -5.44 0.70 22.44
N GLY D 38 -5.78 0.42 21.19
CA GLY D 38 -6.11 -0.94 20.79
C GLY D 38 -7.55 -1.08 20.32
N LYS D 39 -8.11 -0.02 19.70
CA LYS D 39 -9.47 -0.12 19.21
C LYS D 39 -9.59 -1.02 17.99
N THR D 40 -8.70 -0.85 17.00
CA THR D 40 -8.74 -1.72 15.82
C THR D 40 -8.42 -3.15 16.21
N THR D 41 -7.59 -3.33 17.26
CA THR D 41 -7.31 -4.67 17.77
C THR D 41 -8.58 -5.32 18.32
N VAL D 42 -9.41 -4.56 19.06
CA VAL D 42 -10.70 -5.09 19.53
C VAL D 42 -11.59 -5.43 18.34
N MET D 43 -11.61 -4.56 17.33
CA MET D 43 -12.41 -4.76 16.12
C MET D 43 -11.95 -6.01 15.37
N LYS D 44 -10.64 -6.18 15.26
CA LYS D 44 -10.04 -7.32 14.59
C LYS D 44 -10.35 -8.63 15.32
N VAL D 45 -10.30 -8.61 16.66
CA VAL D 45 -10.64 -9.78 17.47
C VAL D 45 -12.10 -10.17 17.29
N MET D 46 -13.01 -9.17 17.35
CA MET D 46 -14.43 -9.45 17.15
C MET D 46 -14.72 -9.87 15.71
N ASN D 47 -13.83 -9.53 14.77
CA ASN D 47 -14.09 -9.86 13.37
C ASN D 47 -13.69 -11.31 13.14
N GLY D 48 -12.44 -11.67 13.43
CA GLY D 48 -12.01 -13.03 13.24
C GLY D 48 -10.65 -13.35 12.65
N ASN D 49 -9.88 -12.34 12.21
CA ASN D 49 -8.56 -12.57 11.67
C ASN D 49 -7.59 -13.16 12.68
N ILE D 50 -7.60 -12.66 13.92
CA ILE D 50 -6.73 -13.15 14.98
C ILE D 50 -7.40 -14.40 15.51
N ILE D 51 -6.60 -15.40 15.89
CA ILE D 51 -7.13 -16.69 16.33
C ILE D 51 -6.91 -16.94 17.82
N LYS D 52 -5.88 -16.38 18.43
CA LYS D 52 -5.63 -16.69 19.83
C LYS D 52 -6.30 -15.70 20.77
N PHE D 53 -7.64 -15.75 20.80
CA PHE D 53 -8.48 -14.97 21.69
C PHE D 53 -8.32 -15.30 23.18
N ASP D 54 -8.20 -16.57 23.58
CA ASP D 54 -8.23 -17.05 24.98
C ASP D 54 -9.48 -16.65 25.78
N GLY D 55 -10.63 -16.89 25.18
CA GLY D 55 -11.88 -16.51 25.79
C GLY D 55 -13.01 -17.10 24.97
N LYS D 56 -14.15 -16.42 24.96
CA LYS D 56 -15.28 -16.93 24.21
C LYS D 56 -15.88 -15.83 23.36
N VAL D 57 -16.18 -16.18 22.11
CA VAL D 57 -16.83 -15.31 21.14
C VAL D 57 -17.98 -16.13 20.58
N ASP D 58 -19.20 -15.60 20.65
CA ASP D 58 -20.37 -16.35 20.20
C ASP D 58 -20.87 -15.77 18.89
N ILE D 59 -20.64 -16.50 17.80
CA ILE D 59 -21.05 -16.09 16.47
C ILE D 59 -21.81 -17.25 15.82
N ASP D 60 -22.99 -16.94 15.29
CA ASP D 60 -23.77 -17.90 14.51
C ASP D 60 -23.16 -17.98 13.11
N ASN D 61 -23.13 -19.19 12.54
CA ASN D 61 -22.53 -19.37 11.22
C ASN D 61 -23.39 -18.81 10.09
N ALA D 62 -24.72 -18.78 10.25
CA ALA D 62 -25.60 -18.30 9.19
C ALA D 62 -25.48 -16.80 8.95
N ASP D 63 -25.00 -16.04 9.93
CA ASP D 63 -24.88 -14.59 9.78
C ASP D 63 -23.59 -14.24 9.05
N ASN D 64 -23.71 -13.35 8.08
CA ASN D 64 -22.58 -12.89 7.28
C ASN D 64 -21.98 -11.65 7.93
N ILE D 65 -20.66 -11.48 7.79
CA ILE D 65 -19.93 -10.36 8.40
C ILE D 65 -19.16 -9.60 7.32
N GLY D 66 -19.38 -8.28 7.27
CA GLY D 66 -18.65 -7.37 6.40
C GLY D 66 -17.85 -6.31 7.13
N PHE D 67 -16.65 -6.03 6.64
CA PHE D 67 -15.77 -5.16 7.40
C PHE D 67 -14.89 -4.33 6.48
N LEU D 68 -14.38 -3.25 7.05
CA LEU D 68 -13.37 -2.36 6.50
C LEU D 68 -12.45 -1.97 7.65
N ILE D 69 -11.15 -2.21 7.50
CA ILE D 69 -10.19 -1.99 8.59
C ILE D 69 -9.28 -0.90 7.99
N GLU D 70 -8.11 -0.62 8.59
CA GLU D 70 -7.06 0.35 8.23
C GLU D 70 -6.96 0.80 6.77
N HIS D 71 -7.11 -0.07 5.78
CA HIS D 71 -6.93 0.46 4.44
C HIS D 71 -7.88 -0.21 3.47
N PRO D 72 -8.27 0.49 2.39
CA PRO D 72 -9.17 -0.14 1.43
C PRO D 72 -8.42 -1.28 0.78
N LYS D 73 -9.12 -2.35 0.43
CA LYS D 73 -8.48 -3.42 -0.33
C LYS D 73 -9.16 -3.63 -1.65
N LEU D 74 -8.44 -3.37 -2.74
CA LEU D 74 -9.05 -3.46 -4.06
C LEU D 74 -8.02 -4.02 -5.02
N TYR D 75 -8.47 -4.31 -6.24
CA TYR D 75 -7.60 -4.76 -7.31
C TYR D 75 -7.22 -3.51 -8.11
N ASP D 76 -5.93 -3.16 -8.12
CA ASP D 76 -5.55 -1.85 -8.65
C ASP D 76 -5.65 -1.80 -10.17
N ASN D 77 -5.22 -2.85 -10.87
CA ASN D 77 -5.15 -2.84 -12.32
C ASN D 77 -6.52 -2.97 -12.97
N LYS D 78 -7.51 -3.46 -12.24
CA LYS D 78 -8.87 -3.74 -12.72
C LYS D 78 -9.84 -2.63 -12.33
N SER D 79 -11.00 -2.62 -13.01
CA SER D 79 -11.95 -1.55 -12.76
C SER D 79 -12.80 -1.78 -11.50
N GLY D 80 -13.48 -0.69 -11.11
CA GLY D 80 -14.29 -0.71 -9.91
C GLY D 80 -15.51 -1.62 -9.97
N LEU D 81 -16.20 -1.62 -11.12
CA LEU D 81 -17.37 -2.49 -11.29
C LEU D 81 -17.00 -3.96 -11.22
N TYR D 82 -15.83 -4.32 -11.77
CA TYR D 82 -15.35 -5.68 -11.66
C TYR D 82 -15.10 -6.03 -10.19
N ASN D 83 -14.51 -5.10 -9.42
CA ASN D 83 -14.29 -5.36 -7.99
C ASN D 83 -15.60 -5.55 -7.22
N LEU D 84 -16.60 -4.69 -7.48
CA LEU D 84 -17.90 -4.83 -6.81
C LEU D 84 -18.54 -6.17 -7.13
N LYS D 85 -18.55 -6.53 -8.42
CA LYS D 85 -19.17 -7.79 -8.82
C LYS D 85 -18.45 -9.00 -8.24
N LEU D 86 -17.11 -9.03 -8.28
CA LEU D 86 -16.35 -10.18 -7.78
C LEU D 86 -16.57 -10.38 -6.30
N PHE D 87 -16.51 -9.30 -5.51
CA PHE D 87 -16.69 -9.51 -4.08
C PHE D 87 -18.14 -9.76 -3.70
N ALA D 88 -19.10 -9.38 -4.57
CA ALA D 88 -20.49 -9.76 -4.31
C ALA D 88 -20.71 -11.24 -4.59
N GLN D 89 -20.10 -11.77 -5.65
CA GLN D 89 -20.30 -13.18 -5.95
C GLN D 89 -19.47 -14.06 -5.02
N VAL D 90 -18.26 -13.63 -4.64
CA VAL D 90 -17.35 -14.49 -3.89
C VAL D 90 -17.71 -14.47 -2.40
N LEU D 91 -17.97 -13.29 -1.84
CA LEU D 91 -18.26 -13.22 -0.41
C LEU D 91 -19.74 -13.24 -0.11
N GLY D 92 -20.55 -12.57 -0.91
CA GLY D 92 -21.98 -12.46 -0.67
C GLY D 92 -22.71 -13.65 -1.24
N LYS D 93 -24.04 -13.56 -1.22
CA LYS D 93 -24.88 -14.61 -1.79
C LYS D 93 -24.85 -14.62 -3.31
N GLY D 94 -24.60 -13.47 -3.93
CA GLY D 94 -24.63 -13.38 -5.37
C GLY D 94 -24.54 -11.93 -5.79
N PHE D 95 -24.95 -11.68 -7.03
CA PHE D 95 -24.96 -10.32 -7.57
C PHE D 95 -26.37 -10.00 -8.06
N ASP D 96 -26.90 -8.85 -7.65
CA ASP D 96 -28.17 -8.35 -8.16
C ASP D 96 -28.04 -6.91 -8.63
N LYS D 97 -28.64 -6.64 -9.80
CA LYS D 97 -28.44 -5.37 -10.48
C LYS D 97 -29.17 -4.26 -9.77
N ALA D 98 -30.38 -4.53 -9.27
CA ALA D 98 -31.21 -3.49 -8.69
C ALA D 98 -30.58 -2.97 -7.41
N TYR D 99 -30.12 -3.89 -6.55
CA TYR D 99 -29.51 -3.57 -5.28
C TYR D 99 -28.22 -2.79 -5.48
N THR D 100 -27.35 -3.29 -6.39
CA THR D 100 -26.10 -2.56 -6.66
C THR D 100 -26.38 -1.19 -7.29
N ASP D 101 -27.40 -1.11 -8.16
CA ASP D 101 -27.76 0.16 -8.81
C ASP D 101 -28.24 1.20 -7.80
N LYS D 102 -29.07 0.76 -6.83
CA LYS D 102 -29.51 1.67 -5.76
C LYS D 102 -28.33 2.14 -4.93
N ILE D 103 -27.41 1.23 -4.64
CA ILE D 103 -26.21 1.60 -3.91
C ILE D 103 -25.38 2.63 -4.69
N ILE D 104 -25.19 2.38 -6.00
CA ILE D 104 -24.36 3.27 -6.82
C ILE D 104 -24.96 4.67 -6.96
N ASP D 105 -26.28 4.79 -7.25
CA ASP D 105 -26.82 6.16 -7.39
C ASP D 105 -26.83 6.88 -6.05
N ALA D 106 -27.18 6.18 -4.94
CA ALA D 106 -27.22 6.88 -3.65
C ALA D 106 -25.82 7.29 -3.20
N PHE D 107 -24.82 6.42 -3.39
CA PHE D 107 -23.46 6.77 -3.00
C PHE D 107 -22.89 7.85 -3.90
N GLY D 108 -23.21 7.81 -5.20
CA GLY D 108 -22.71 8.83 -6.11
C GLY D 108 -21.54 8.40 -6.95
N MET D 109 -21.42 7.11 -7.29
CA MET D 109 -20.26 6.70 -8.05
C MET D 109 -20.51 6.41 -9.52
N ARG D 110 -21.63 6.88 -10.08
CA ARG D 110 -21.93 6.62 -11.49
C ARG D 110 -20.91 7.19 -12.48
N PRO D 111 -20.46 8.47 -12.39
CA PRO D 111 -19.50 9.00 -13.38
C PRO D 111 -18.21 8.23 -13.40
N TYR D 112 -17.80 7.67 -12.27
CA TYR D 112 -16.50 7.06 -12.20
C TYR D 112 -16.60 5.58 -11.88
N ILE D 113 -17.74 4.95 -12.18
CA ILE D 113 -17.82 3.52 -11.91
C ILE D 113 -17.03 2.71 -12.94
N LYS D 114 -16.71 3.31 -14.09
CA LYS D 114 -15.97 2.63 -15.14
C LYS D 114 -14.49 3.05 -15.27
N LYS D 115 -13.97 3.90 -14.39
CA LYS D 115 -12.56 4.24 -14.46
C LYS D 115 -11.72 3.24 -13.67
N LYS D 116 -10.41 3.21 -13.96
CA LYS D 116 -9.52 2.27 -13.28
C LYS D 116 -9.22 2.76 -11.86
N VAL D 117 -9.17 1.80 -10.93
CA VAL D 117 -8.96 2.09 -9.51
C VAL D 117 -7.58 2.70 -9.28
N LYS D 118 -6.62 2.38 -10.18
CA LYS D 118 -5.26 2.92 -10.09
C LYS D 118 -5.23 4.44 -10.22
N LYS D 119 -6.23 5.01 -10.89
CA LYS D 119 -6.24 6.46 -11.06
C LYS D 119 -7.09 7.15 -10.00
N TYR D 120 -7.65 6.40 -9.05
CA TYR D 120 -8.51 7.01 -8.05
C TYR D 120 -7.66 7.74 -7.01
N SER D 121 -8.32 8.58 -6.21
CA SER D 121 -7.66 9.15 -5.04
C SER D 121 -8.06 8.38 -3.80
N MET D 122 -7.49 8.81 -2.66
CA MET D 122 -7.73 8.12 -1.38
C MET D 122 -9.20 8.16 -0.96
N GLY D 123 -9.85 9.33 -1.03
CA GLY D 123 -11.26 9.39 -0.68
C GLY D 123 -12.14 8.58 -1.62
N MET D 124 -11.73 8.51 -2.89
CA MET D 124 -12.43 7.70 -3.89
C MET D 124 -12.33 6.23 -3.51
N LYS D 125 -11.14 5.83 -3.02
CA LYS D 125 -10.95 4.43 -2.63
C LYS D 125 -11.71 4.13 -1.35
N GLN D 126 -11.81 5.10 -0.42
CA GLN D 126 -12.56 4.83 0.82
C GLN D 126 -14.04 4.61 0.53
N LYS D 127 -14.62 5.44 -0.35
CA LYS D 127 -16.04 5.23 -0.71
C LYS D 127 -16.23 3.88 -1.39
N LEU D 128 -15.29 3.53 -2.27
CA LEU D 128 -15.35 2.22 -2.94
C LEU D 128 -15.23 1.09 -1.92
N ALA D 129 -14.38 1.29 -0.90
CA ALA D 129 -14.24 0.31 0.17
C ALA D 129 -15.52 0.11 0.98
N ILE D 130 -16.22 1.21 1.32
CA ILE D 130 -17.48 1.06 2.03
C ILE D 130 -18.51 0.34 1.20
N ALA D 131 -18.60 0.68 -0.10
CA ALA D 131 -19.55 0.00 -0.98
C ALA D 131 -19.25 -1.49 -1.16
N VAL D 132 -17.98 -1.85 -1.36
CA VAL D 132 -17.61 -3.27 -1.50
C VAL D 132 -17.91 -4.04 -0.21
N SER D 133 -17.62 -3.43 0.95
CA SER D 133 -17.96 -4.04 2.23
C SER D 133 -19.46 -4.26 2.36
N LEU D 134 -20.26 -3.29 1.92
CA LEU D 134 -21.70 -3.42 2.05
C LEU D 134 -22.27 -4.45 1.04
N MET D 135 -21.53 -4.74 -0.05
CA MET D 135 -21.97 -5.70 -1.09
C MET D 135 -22.21 -7.12 -0.59
N ASN D 136 -21.60 -7.51 0.52
CA ASN D 136 -21.68 -8.82 1.12
C ASN D 136 -23.08 -9.17 1.66
N LYS D 137 -23.95 -8.17 1.80
CA LYS D 137 -25.23 -8.25 2.51
C LYS D 137 -25.05 -8.81 3.94
N PRO D 138 -24.21 -8.16 4.76
CA PRO D 138 -23.77 -8.77 6.02
C PRO D 138 -24.82 -8.58 7.11
N LYS D 139 -24.64 -9.31 8.20
CA LYS D 139 -25.42 -9.01 9.40
C LYS D 139 -24.70 -8.08 10.35
N PHE D 140 -23.37 -8.02 10.29
CA PHE D 140 -22.55 -7.11 11.09
C PHE D 140 -21.52 -6.35 10.25
N LEU D 141 -21.51 -5.02 10.42
CA LEU D 141 -20.60 -4.11 9.73
C LEU D 141 -19.56 -3.59 10.71
N ILE D 142 -18.29 -3.69 10.32
CA ILE D 142 -17.18 -3.34 11.18
C ILE D 142 -16.36 -2.33 10.40
N LEU D 143 -16.52 -1.04 10.71
CA LEU D 143 -15.87 0.02 9.94
C LEU D 143 -14.84 0.76 10.78
N ASP D 144 -13.63 0.90 10.23
CA ASP D 144 -12.51 1.56 10.89
C ASP D 144 -12.20 2.87 10.18
N GLU D 145 -12.62 3.99 10.78
CA GLU D 145 -12.44 5.34 10.21
C GLU D 145 -12.95 5.50 8.78
N PRO D 146 -14.27 5.48 8.57
CA PRO D 146 -14.79 5.46 7.20
C PRO D 146 -14.76 6.82 6.54
N THR D 147 -14.61 7.89 7.32
CA THR D 147 -14.71 9.26 6.82
C THR D 147 -13.46 10.07 7.15
N ASN D 148 -12.27 9.52 6.89
CA ASN D 148 -11.04 10.23 7.22
C ASN D 148 -10.42 10.86 5.98
N GLY D 149 -11.11 10.82 4.85
CA GLY D 149 -10.63 11.43 3.62
C GLY D 149 -11.70 12.07 2.76
N MET D 150 -12.86 12.39 3.31
CA MET D 150 -13.97 12.89 2.51
C MET D 150 -14.42 14.27 2.94
N ASP D 151 -15.02 14.96 1.97
CA ASP D 151 -15.53 16.31 2.11
C ASP D 151 -16.77 16.23 3.02
N PRO D 152 -17.17 17.33 3.71
CA PRO D 152 -18.34 17.26 4.61
C PRO D 152 -19.64 16.76 3.98
N ASP D 153 -19.96 17.20 2.75
CA ASP D 153 -21.20 16.80 2.08
C ASP D 153 -21.15 15.30 1.80
N GLY D 154 -19.96 14.82 1.44
CA GLY D 154 -19.77 13.39 1.25
C GLY D 154 -20.00 12.63 2.56
N SER D 155 -19.52 13.17 3.68
CA SER D 155 -19.78 12.51 4.95
C SER D 155 -21.29 12.43 5.28
N ILE D 156 -22.02 13.55 5.09
CA ILE D 156 -23.46 13.52 5.39
C ILE D 156 -24.23 12.55 4.49
N ASP D 157 -23.99 12.58 3.15
CA ASP D 157 -24.75 11.65 2.29
C ASP D 157 -24.40 10.19 2.61
N VAL D 158 -23.11 9.84 2.83
CA VAL D 158 -22.79 8.42 3.10
C VAL D 158 -23.45 7.96 4.41
N LEU D 159 -23.38 8.76 5.50
CA LEU D 159 -24.02 8.34 6.75
C LEU D 159 -25.54 8.23 6.62
N THR D 160 -26.18 9.17 5.92
CA THR D 160 -27.63 9.09 5.73
C THR D 160 -28.01 7.85 4.92
N THR D 161 -27.24 7.54 3.86
CA THR D 161 -27.47 6.34 3.07
C THR D 161 -27.29 5.09 3.92
N ILE D 162 -26.28 5.08 4.80
CA ILE D 162 -26.03 3.94 5.68
C ILE D 162 -27.22 3.73 6.61
N LYS D 163 -27.75 4.83 7.18
CA LYS D 163 -28.93 4.76 8.04
C LYS D 163 -30.14 4.25 7.26
N SER D 164 -30.29 4.69 6.01
CA SER D 164 -31.43 4.24 5.21
C SER D 164 -31.33 2.73 5.01
N LEU D 165 -30.11 2.22 4.76
CA LEU D 165 -30.11 0.76 4.62
C LEU D 165 -30.31 0.10 5.98
N VAL D 166 -30.09 0.84 7.08
CA VAL D 166 -30.24 0.25 8.41
C VAL D 166 -31.72 0.03 8.68
N ASN D 167 -32.58 0.86 8.08
CA ASN D 167 -33.97 0.68 8.45
C ASN D 167 -34.65 -0.22 7.44
N GLU D 168 -34.28 -0.07 6.16
CA GLU D 168 -34.85 -0.89 5.09
C GLU D 168 -34.43 -2.36 5.20
N LEU D 169 -33.27 -2.62 5.80
CA LEU D 169 -32.78 -3.98 6.04
C LEU D 169 -32.22 -4.11 7.44
N ASP D 170 -32.66 -5.12 8.18
CA ASP D 170 -32.27 -5.30 9.59
C ASP D 170 -30.76 -5.50 9.61
N MET D 171 -30.07 -4.48 10.13
CA MET D 171 -28.63 -4.36 10.09
C MET D 171 -28.12 -3.86 11.44
N ARG D 172 -26.96 -4.35 11.86
CA ARG D 172 -26.31 -3.80 13.05
C ARG D 172 -24.95 -3.26 12.62
N ILE D 173 -24.63 -2.04 13.04
CA ILE D 173 -23.41 -1.35 12.65
C ILE D 173 -22.52 -1.11 13.86
N LEU D 174 -21.22 -1.39 13.72
CA LEU D 174 -20.22 -0.95 14.68
C LEU D 174 -19.24 -0.02 13.96
N ILE D 175 -19.11 1.22 14.44
CA ILE D 175 -18.26 2.23 13.83
C ILE D 175 -17.26 2.73 14.87
N SER D 176 -15.98 2.67 14.54
CA SER D 176 -14.97 3.33 15.36
C SER D 176 -14.43 4.50 14.56
N SER D 177 -14.52 5.70 15.13
CA SER D 177 -14.05 6.89 14.44
C SER D 177 -13.85 8.05 15.40
N HIS D 178 -12.89 8.91 15.04
CA HIS D 178 -12.78 10.27 15.56
C HIS D 178 -13.77 11.17 14.82
N LYS D 179 -13.60 12.50 14.95
CA LYS D 179 -14.45 13.59 14.44
C LYS D 179 -15.89 13.43 14.95
N LEU D 180 -15.99 13.60 16.28
CA LEU D 180 -17.22 13.29 16.99
C LEU D 180 -18.41 14.12 16.52
N GLU D 181 -18.16 15.31 15.95
CA GLU D 181 -19.28 16.09 15.44
C GLU D 181 -19.91 15.39 14.24
N ASP D 182 -19.12 14.63 13.48
CA ASP D 182 -19.65 13.83 12.37
C ASP D 182 -20.28 12.53 12.85
N ILE D 183 -19.78 11.97 13.95
CA ILE D 183 -20.35 10.70 14.44
C ILE D 183 -21.75 10.93 15.03
N GLU D 184 -21.95 12.05 15.74
CA GLU D 184 -23.20 12.34 16.44
C GLU D 184 -24.42 12.51 15.51
N LEU D 185 -24.23 12.74 14.19
CA LEU D 185 -25.40 12.87 13.31
C LEU D 185 -26.23 11.59 13.24
N ILE D 186 -25.60 10.43 13.02
CA ILE D 186 -26.32 9.15 12.98
C ILE D 186 -25.54 8.15 13.82
N CYS D 187 -26.07 7.85 15.01
CA CYS D 187 -25.56 6.91 16.00
C CYS D 187 -26.60 6.82 17.10
N ASP D 188 -26.70 5.65 17.76
CA ASP D 188 -27.54 5.56 18.94
C ASP D 188 -26.78 5.53 20.26
N ARG D 189 -25.60 4.88 20.34
CA ARG D 189 -24.87 4.89 21.61
C ARG D 189 -23.37 4.85 21.33
N ALA D 190 -22.60 5.23 22.33
CA ALA D 190 -21.15 5.22 22.23
C ALA D 190 -20.52 4.57 23.46
N VAL D 191 -19.44 3.83 23.24
CA VAL D 191 -18.68 3.18 24.30
C VAL D 191 -17.23 3.66 24.24
N PHE D 192 -16.66 3.95 25.41
CA PHE D 192 -15.33 4.51 25.52
C PHE D 192 -14.35 3.44 26.00
N LEU D 193 -13.26 3.30 25.27
CA LEU D 193 -12.22 2.32 25.51
C LEU D 193 -10.98 3.07 25.99
N ARG D 194 -10.45 2.67 27.14
CA ARG D 194 -9.26 3.34 27.66
C ARG D 194 -8.51 2.33 28.51
N ASP D 195 -7.20 2.24 28.27
CA ASP D 195 -6.24 1.40 29.00
C ASP D 195 -6.57 -0.08 28.89
N GLY D 196 -7.21 -0.47 27.78
CA GLY D 196 -7.53 -1.83 27.45
C GLY D 196 -8.87 -2.37 27.91
N HIS D 197 -9.64 -1.60 28.68
CA HIS D 197 -10.93 -2.08 29.14
C HIS D 197 -12.02 -1.04 28.87
N PHE D 198 -13.27 -1.49 28.79
CA PHE D 198 -14.38 -0.56 28.66
C PHE D 198 -14.70 0.07 30.00
N VAL D 199 -14.95 1.38 29.96
CA VAL D 199 -15.15 2.19 31.15
C VAL D 199 -16.51 2.86 31.17
N GLN D 200 -16.93 3.44 30.03
CA GLN D 200 -18.18 4.19 30.00
C GLN D 200 -18.99 3.82 28.78
N ASP D 201 -20.30 3.73 28.97
CA ASP D 201 -21.29 3.53 27.93
C ASP D 201 -22.34 4.63 28.02
N VAL D 202 -22.51 5.37 26.92
CA VAL D 202 -23.36 6.56 26.93
C VAL D 202 -24.45 6.33 25.89
N ASN D 203 -25.69 6.50 26.33
CA ASN D 203 -26.88 6.43 25.48
C ASN D 203 -27.38 7.84 25.21
N MET D 204 -27.40 8.25 23.94
CA MET D 204 -27.60 9.65 23.63
C MET D 204 -29.08 10.02 23.65
N GLU D 205 -29.97 9.05 23.43
CA GLU D 205 -31.39 9.29 23.30
C GLU D 205 -32.02 9.76 24.61
N GLU D 206 -31.60 9.16 25.72
CA GLU D 206 -32.13 9.41 27.06
C GLU D 206 -31.65 10.74 27.63
N GLY D 207 -30.45 11.19 27.23
CA GLY D 207 -29.85 12.44 27.67
C GLY D 207 -29.30 12.52 29.08
N VAL D 208 -28.89 13.74 29.45
CA VAL D 208 -28.34 14.05 30.76
C VAL D 208 -29.24 15.17 31.30
N ALA D 209 -29.19 15.40 32.61
CA ALA D 209 -30.05 16.41 33.21
C ALA D 209 -29.52 17.83 33.02
N SER D 210 -28.27 17.96 32.59
CA SER D 210 -27.65 19.28 32.41
C SER D 210 -28.16 20.05 31.19
N ASP D 211 -28.75 19.39 30.20
CA ASP D 211 -29.28 20.08 29.02
C ASP D 211 -30.45 21.00 29.38
N THR D 212 -30.42 22.22 28.84
CA THR D 212 -31.40 23.25 29.14
C THR D 212 -31.79 23.96 27.85
N THR D 213 -33.00 24.52 27.81
CA THR D 213 -33.41 25.38 26.71
C THR D 213 -33.89 26.69 27.30
N ILE D 214 -33.33 27.80 26.83
CA ILE D 214 -33.58 29.12 27.39
C ILE D 214 -34.47 29.91 26.45
N VAL D 215 -35.61 30.33 26.96
CA VAL D 215 -36.59 31.16 26.28
C VAL D 215 -36.76 32.45 27.08
N THR D 216 -36.63 33.60 26.43
CA THR D 216 -36.79 34.85 27.17
C THR D 216 -38.04 35.50 26.60
N VAL D 217 -38.85 36.11 27.45
CA VAL D 217 -40.11 36.72 27.05
C VAL D 217 -40.16 38.07 27.77
N ASP D 218 -41.18 38.88 27.46
CA ASP D 218 -41.36 40.19 28.07
C ASP D 218 -41.81 40.07 29.52
N HIS D 219 -41.58 41.14 30.27
CA HIS D 219 -41.92 41.17 31.68
C HIS D 219 -43.43 41.08 31.90
N LYS D 220 -44.20 41.82 31.10
CA LYS D 220 -45.66 41.80 31.15
C LYS D 220 -46.25 40.46 30.71
N ASP D 221 -45.59 39.77 29.81
CA ASP D 221 -46.05 38.52 29.24
C ASP D 221 -45.51 37.32 30.05
N PHE D 222 -44.68 37.60 31.07
CA PHE D 222 -43.97 36.56 31.82
C PHE D 222 -44.92 35.61 32.57
N ASP D 223 -45.97 36.17 33.19
CA ASP D 223 -46.91 35.36 33.98
C ASP D 223 -47.67 34.37 33.12
N ARG D 224 -48.23 34.86 32.03
CA ARG D 224 -48.98 34.02 31.09
C ARG D 224 -48.09 32.97 30.41
N THR D 225 -46.88 33.35 29.98
CA THR D 225 -45.99 32.38 29.35
C THR D 225 -45.56 31.29 30.34
N GLU D 226 -45.23 31.70 31.58
CA GLU D 226 -44.84 30.77 32.63
C GLU D 226 -46.00 29.84 32.97
N LYS D 227 -47.23 30.37 33.01
CA LYS D 227 -48.41 29.52 33.24
C LYS D 227 -48.53 28.43 32.20
N TYR D 228 -48.39 28.78 30.91
CA TYR D 228 -48.53 27.77 29.86
C TYR D 228 -47.44 26.69 29.93
N LEU D 229 -46.18 27.12 30.12
CA LEU D 229 -45.08 26.15 30.23
C LEU D 229 -45.17 25.30 31.50
N ALA D 230 -45.60 25.89 32.63
CA ALA D 230 -45.82 25.12 33.85
C ALA D 230 -46.93 24.11 33.68
N GLU D 231 -47.95 24.42 32.89
CA GLU D 231 -49.00 23.45 32.66
C GLU D 231 -48.46 22.28 31.85
N HIS D 232 -47.79 22.58 30.74
CA HIS D 232 -47.40 21.60 29.74
C HIS D 232 -46.13 20.82 30.03
N PHE D 233 -44.94 21.43 30.15
CA PHE D 233 -43.76 20.59 30.36
C PHE D 233 -43.16 20.80 31.75
N GLN D 234 -42.05 20.07 31.97
CA GLN D 234 -41.31 19.99 33.23
C GLN D 234 -40.41 21.20 33.47
N LEU D 235 -40.40 21.67 34.71
CA LEU D 235 -39.54 22.78 35.14
C LEU D 235 -38.47 22.35 36.12
N GLN D 236 -37.21 22.64 35.78
CA GLN D 236 -36.12 22.25 36.67
C GLN D 236 -35.72 23.39 37.59
N ASN D 237 -35.29 24.53 37.01
CA ASN D 237 -34.86 25.67 37.82
C ASN D 237 -35.64 26.89 37.40
N VAL D 238 -36.10 27.71 38.35
CA VAL D 238 -36.79 28.93 37.93
C VAL D 238 -36.19 30.15 38.62
N ASP D 239 -35.83 31.19 37.84
CA ASP D 239 -35.26 32.42 38.38
C ASP D 239 -35.93 33.60 37.64
N LYS D 240 -36.79 34.29 38.39
CA LYS D 240 -37.53 35.47 37.92
C LYS D 240 -36.66 36.72 37.71
N ALA D 241 -35.64 36.97 38.53
CA ALA D 241 -34.80 38.16 38.32
C ALA D 241 -34.08 38.16 36.97
N ASP D 242 -33.47 37.04 36.59
CA ASP D 242 -32.94 36.95 35.24
C ASP D 242 -34.09 36.83 34.23
N GLY D 243 -35.23 36.26 34.65
CA GLY D 243 -36.32 35.97 33.75
C GLY D 243 -36.20 34.66 33.02
N HIS D 244 -35.24 33.83 33.40
CA HIS D 244 -34.95 32.58 32.73
C HIS D 244 -35.45 31.39 33.56
N LEU D 245 -36.10 30.46 32.86
CA LEU D 245 -36.57 29.23 33.47
C LEU D 245 -35.89 28.07 32.76
N MET D 246 -35.36 27.11 33.52
CA MET D 246 -34.63 25.99 32.95
C MET D 246 -35.60 24.83 32.90
N ILE D 247 -35.78 24.29 31.68
CA ILE D 247 -36.60 23.13 31.37
C ILE D 247 -35.76 22.13 30.58
N ASN D 248 -36.29 20.92 30.42
CA ASN D 248 -35.60 19.88 29.66
C ASN D 248 -35.47 20.26 28.19
N ALA D 249 -34.39 19.80 27.56
CA ALA D 249 -34.10 20.10 26.17
C ALA D 249 -35.17 19.49 25.26
N GLN D 250 -35.64 20.28 24.30
CA GLN D 250 -36.63 19.80 23.33
C GLN D 250 -36.09 20.07 21.94
N LYS D 251 -36.12 19.04 21.08
CA LYS D 251 -35.60 19.18 19.73
C LYS D 251 -36.44 20.05 18.80
N ASN D 252 -37.78 20.03 18.89
CA ASN D 252 -38.56 20.83 17.96
C ASN D 252 -39.23 22.02 18.66
N TYR D 253 -39.08 23.20 18.06
CA TYR D 253 -39.69 24.40 18.62
C TYR D 253 -41.02 24.75 17.97
N GLN D 254 -41.50 23.91 17.03
CA GLN D 254 -42.68 24.24 16.24
C GLN D 254 -43.93 24.34 17.10
N VAL D 255 -44.21 23.30 17.90
CA VAL D 255 -45.47 23.24 18.62
C VAL D 255 -45.47 24.29 19.72
N ILE D 256 -44.31 24.46 20.36
CA ILE D 256 -44.15 25.37 21.49
C ILE D 256 -44.40 26.81 21.04
N LEU D 257 -43.62 27.30 20.05
CA LEU D 257 -43.84 28.65 19.57
C LEU D 257 -45.18 28.80 18.86
N LYS D 258 -45.74 27.69 18.35
CA LYS D 258 -47.05 27.77 17.71
C LYS D 258 -48.10 28.13 18.74
N ALA D 259 -48.03 27.44 19.90
CA ALA D 259 -48.94 27.65 21.01
C ALA D 259 -48.82 29.05 21.58
N LEU D 260 -47.58 29.54 21.74
CA LEU D 260 -47.42 30.90 22.23
C LEU D 260 -47.86 31.95 21.21
N SER D 261 -47.61 31.72 19.91
CA SER D 261 -48.11 32.66 18.92
C SER D 261 -49.63 32.68 18.87
N GLU D 262 -50.26 31.51 19.13
CA GLU D 262 -51.71 31.45 19.31
C GLU D 262 -52.19 32.16 20.57
N LEU D 263 -51.35 32.25 21.60
CA LEU D 263 -51.77 32.95 22.81
C LEU D 263 -51.20 34.37 22.88
N ASP D 264 -50.84 34.92 21.74
CA ASP D 264 -50.26 36.26 21.60
C ASP D 264 -49.00 36.44 22.44
N ILE D 265 -48.01 35.55 22.32
CA ILE D 265 -46.79 35.65 23.10
C ILE D 265 -45.71 35.57 22.05
N TYR D 266 -44.77 36.51 22.06
CA TYR D 266 -43.67 36.48 21.10
C TYR D 266 -42.37 36.54 21.90
N PRO D 267 -41.62 35.45 21.99
CA PRO D 267 -40.37 35.46 22.78
C PRO D 267 -39.31 36.41 22.23
N LYS D 268 -38.53 37.05 23.12
CA LYS D 268 -37.46 37.90 22.59
C LYS D 268 -36.33 37.06 21.98
N TYR D 269 -35.98 35.93 22.61
CA TYR D 269 -34.85 35.12 22.18
C TYR D 269 -35.13 33.68 22.58
N ILE D 270 -34.46 32.73 21.92
CA ILE D 270 -34.51 31.31 22.24
C ILE D 270 -33.20 30.66 21.80
N GLU D 271 -32.73 29.68 22.59
CA GLU D 271 -31.50 28.94 22.33
C GLU D 271 -31.44 27.77 23.30
N THR D 272 -30.54 26.82 23.04
CA THR D 272 -30.41 25.65 23.89
C THR D 272 -28.93 25.38 24.20
N ARG D 273 -28.66 24.86 25.39
CA ARG D 273 -27.33 24.46 25.85
C ARG D 273 -27.36 22.94 26.07
N LYS D 274 -26.43 22.25 25.42
CA LYS D 274 -26.36 20.79 25.46
C LYS D 274 -24.91 20.36 25.53
N SER D 275 -24.68 19.15 26.02
CA SER D 275 -23.33 18.62 26.09
C SER D 275 -23.14 17.56 25.02
N SER D 276 -22.04 17.71 24.29
CA SER D 276 -21.72 16.84 23.15
C SER D 276 -20.74 15.74 23.52
N LEU D 277 -20.38 14.95 22.50
CA LEU D 277 -19.46 13.86 22.75
C LEU D 277 -18.05 14.39 22.96
N ARG D 278 -17.74 15.57 22.43
CA ARG D 278 -16.42 16.14 22.63
C ARG D 278 -16.25 16.47 24.12
N ASP D 279 -17.32 17.03 24.71
CA ASP D 279 -17.35 17.35 26.12
C ASP D 279 -17.23 16.09 26.98
N THR D 280 -17.97 15.03 26.60
CA THR D 280 -17.88 13.77 27.35
C THR D 280 -16.48 13.17 27.26
N TYR D 281 -15.88 13.19 26.05
CA TYR D 281 -14.54 12.67 25.84
C TYR D 281 -13.53 13.42 26.68
N PHE D 282 -13.59 14.75 26.68
CA PHE D 282 -12.64 15.52 27.47
C PHE D 282 -12.85 15.29 28.97
N ASN D 283 -14.11 15.19 29.42
CA ASN D 283 -14.34 14.93 30.84
C ASN D 283 -13.83 13.55 31.28
N ILE D 284 -14.03 12.51 30.45
CA ILE D 284 -13.54 11.18 30.82
C ILE D 284 -12.00 11.12 30.74
N ASN D 285 -11.43 11.69 29.68
CA ASN D 285 -10.00 11.57 29.39
C ASN D 285 -9.11 12.61 30.05
N GLN D 286 -9.70 13.64 30.70
CA GLN D 286 -8.88 14.60 31.43
C GLN D 286 -8.27 14.01 32.69
N ARG D 287 -8.79 12.89 33.17
CA ARG D 287 -8.24 12.20 34.34
C ARG D 287 -6.84 11.66 34.09
N GLY D 288 -6.48 11.41 32.83
CA GLY D 288 -5.16 10.94 32.48
C GLY D 288 -4.45 11.88 31.52
N ASP D 289 -5.19 12.82 30.92
CA ASP D 289 -4.60 13.76 29.98
C ASP D 289 -4.35 15.14 30.59
N LYS D 290 -5.27 15.66 31.40
CA LYS D 290 -5.08 16.98 32.00
C LYS D 290 -4.64 16.88 33.45
#